data_7F03
#
_entry.id   7F03
#
_cell.length_a   1.00
_cell.length_b   1.00
_cell.length_c   1.00
_cell.angle_alpha   90.00
_cell.angle_beta   90.00
_cell.angle_gamma   90.00
#
_symmetry.space_group_name_H-M   'P 1'
#
loop_
_entity.id
_entity.type
_entity.pdbx_description
1 polymer 'Cytochrome c biogenesis ATP-binding export protein CcmA'
2 polymer 'Heme exporter protein B'
3 polymer 'Heme exporter protein C'
4 polymer 'Heme exporter protein D'
5 non-polymer 'MAGNESIUM ION'
6 non-polymer 'PHOSPHOAMINOPHOSPHONIC ACID-ADENYLATE ESTER'
7 non-polymer 1,2-Distearoyl-sn-glycerophosphoethanolamine
8 water water
#
loop_
_entity_poly.entity_id
_entity_poly.type
_entity_poly.pdbx_seq_one_letter_code
_entity_poly.pdbx_strand_id
1 'polypeptide(L)'
;MGMLEARELLCERDERTLFSGLSFTLNAGEWVQITGSNGAGKTTLLRLLTGLSRPDAGEVLWQGQPLHQVRDSYHQNLLW
IGHQPGIKTRLTALENLHFYHRDGDTAQCLEALAQAGLAGFEDIPVNQLSAGQQRRVALARLWLTRATLWILDEPFTAID
VNGVDRLTQRMAQHTEQGGIVILTTHQPLNVAESKIRRISLTQTRAA
;
A,E
2 'polypeptide(L)'
;MMFWRIFRLELRVAFRHSAEIANPLWFFLIVITLFPLSIGPEPQLLARIAPGIIWVAALLSSLLALERLFRDDLQDGSLE
QLMLLPLPLPAVVLAKVMAHWMVTGLPLLILSPLVAMLLGMDVYGWQVMALTLLLGTPTLGFLGAPGVALTVGLKRGGVL
LSILVLPLTIPLLIFATAAMDAASMHLPVDGYLAILGALLAGTATLSPFATAAALRISIQ
;
B,F
3 'polypeptide(L)'
;MWKTLHQLAIPPRLYQICGWFIPWLAIASVVVLTVGWIWGFGFAPADYQQGNSYRIIYLHVPAAIWSMGIYASMAVAAFI
GLVWQMKMANLAVAAMAPIGAVFTFIALVTGSAWGKPMWGTWWVWDARLTSELVLLFLYVGVIALWHAFDDRRLAGRAAG
ILVLIGVVNLPIIHYSVEWWNTLHQGSTRMQQSIDPAMRSPLRWSIFGFLLLSATLTLMRMRNLILLMEKRRPWVSELIL
KRGRK
;
C
4 'polypeptide(L)' MTPAFASWNEFFAMGGYAFFVWLAVVMTVIPLVVLVVHSVMQHRAILRGVAQQRAREARLRAAQQQEAA D
#
loop_
_chem_comp.id
_chem_comp.type
_chem_comp.name
_chem_comp.formula
3PE non-polymer 1,2-Distearoyl-sn-glycerophosphoethanolamine 'C41 H82 N O8 P'
ANP non-polymer 'PHOSPHOAMINOPHOSPHONIC ACID-ADENYLATE ESTER' 'C10 H17 N6 O12 P3'
MG non-polymer 'MAGNESIUM ION' 'Mg 2'
#
# COMPACT_ATOMS: atom_id res chain seq x y z
N MET A 1 30.69 -6.71 -39.27
CA MET A 1 29.66 -7.12 -40.22
C MET A 1 28.60 -7.97 -39.55
N GLY A 2 27.36 -7.50 -39.55
CA GLY A 2 26.27 -8.22 -38.95
C GLY A 2 25.88 -7.64 -37.60
N MET A 3 24.71 -8.06 -37.13
CA MET A 3 24.17 -7.62 -35.85
C MET A 3 24.87 -8.33 -34.71
N LEU A 4 24.30 -8.28 -33.50
CA LEU A 4 25.01 -8.60 -32.26
C LEU A 4 25.96 -9.77 -32.43
N GLU A 5 27.22 -9.53 -32.03
CA GLU A 5 28.31 -10.48 -32.24
C GLU A 5 29.09 -10.58 -30.93
N ALA A 6 28.69 -11.51 -30.07
CA ALA A 6 29.43 -11.75 -28.84
C ALA A 6 30.85 -12.20 -29.18
N ARG A 7 31.83 -11.64 -28.48
CA ARG A 7 33.24 -11.89 -28.78
C ARG A 7 33.92 -12.39 -27.52
N GLU A 8 34.32 -13.67 -27.55
CA GLU A 8 35.00 -14.36 -26.44
C GLU A 8 34.45 -13.95 -25.08
N LEU A 9 33.12 -13.96 -24.96
CA LEU A 9 32.46 -13.60 -23.72
C LEU A 9 32.87 -14.54 -22.60
N LEU A 10 33.05 -13.97 -21.41
CA LEU A 10 33.39 -14.74 -20.22
C LEU A 10 32.61 -14.21 -19.04
N CYS A 11 32.00 -15.11 -18.27
CA CYS A 11 31.28 -14.72 -17.07
C CYS A 11 31.28 -15.88 -16.10
N GLU A 12 31.55 -15.59 -14.83
CA GLU A 12 31.58 -16.61 -13.80
C GLU A 12 30.91 -16.04 -12.55
N ARG A 13 29.94 -16.78 -12.02
CA ARG A 13 29.29 -16.43 -10.76
C ARG A 13 29.82 -17.35 -9.65
N ASP A 14 29.94 -16.78 -8.45
CA ASP A 14 30.54 -17.46 -7.31
C ASP A 14 31.96 -17.91 -7.65
N GLU A 15 32.13 -19.20 -7.89
CA GLU A 15 33.42 -19.74 -8.34
C GLU A 15 33.35 -20.51 -9.64
N ARG A 16 32.20 -21.11 -9.98
CA ARG A 16 32.06 -21.83 -11.23
C ARG A 16 32.00 -20.84 -12.40
N THR A 17 32.61 -21.23 -13.51
CA THR A 17 32.51 -20.45 -14.74
C THR A 17 31.31 -20.95 -15.56
N LEU A 18 30.33 -20.09 -15.73
CA LEU A 18 29.14 -20.47 -16.49
C LEU A 18 29.49 -20.74 -17.95
N PHE A 19 30.31 -19.90 -18.54
CA PHE A 19 30.74 -20.08 -19.92
C PHE A 19 32.03 -19.30 -20.14
N SER A 20 32.79 -19.72 -21.16
CA SER A 20 34.07 -19.08 -21.44
C SER A 20 34.39 -19.29 -22.92
N GLY A 21 34.21 -18.25 -23.71
CA GLY A 21 34.62 -18.26 -25.09
C GLY A 21 33.51 -18.32 -26.13
N LEU A 22 32.35 -17.74 -25.85
CA LEU A 22 31.29 -17.67 -26.85
C LEU A 22 31.68 -16.66 -27.93
N SER A 23 31.51 -17.05 -29.19
CA SER A 23 31.77 -16.15 -30.31
C SER A 23 30.80 -16.52 -31.43
N PHE A 24 29.67 -15.84 -31.46
CA PHE A 24 28.63 -16.08 -32.45
C PHE A 24 28.18 -14.76 -33.05
N THR A 25 27.98 -14.75 -34.37
CA THR A 25 27.43 -13.61 -35.07
C THR A 25 26.02 -13.95 -35.53
N LEU A 26 25.08 -13.05 -35.26
CA LEU A 26 23.67 -13.27 -35.59
C LEU A 26 23.31 -12.36 -36.76
N ASN A 27 23.29 -12.92 -37.96
CA ASN A 27 22.87 -12.19 -39.14
C ASN A 27 21.35 -12.06 -39.15
N ALA A 28 20.83 -11.38 -40.16
CA ALA A 28 19.40 -11.14 -40.24
C ALA A 28 18.64 -12.44 -40.50
N GLY A 29 17.44 -12.52 -39.93
CA GLY A 29 16.57 -13.65 -40.16
C GLY A 29 17.04 -14.98 -39.61
N GLU A 30 17.54 -14.99 -38.37
CA GLU A 30 17.94 -16.23 -37.71
C GLU A 30 17.14 -16.41 -36.43
N TRP A 31 16.56 -17.60 -36.26
CA TRP A 31 15.85 -17.98 -35.06
C TRP A 31 16.78 -18.83 -34.21
N VAL A 32 17.19 -18.30 -33.07
CA VAL A 32 18.22 -18.93 -32.23
C VAL A 32 17.65 -19.20 -30.85
N GLN A 33 17.87 -20.42 -30.36
CA GLN A 33 17.44 -20.83 -29.02
C GLN A 33 18.67 -21.12 -28.17
N ILE A 34 18.75 -20.47 -27.01
CA ILE A 34 19.84 -20.71 -26.07
C ILE A 34 19.46 -21.91 -25.22
N THR A 35 20.10 -23.04 -25.47
CA THR A 35 19.79 -24.29 -24.79
C THR A 35 20.72 -24.49 -23.60
N GLY A 36 20.20 -25.12 -22.55
CA GLY A 36 20.97 -25.40 -21.36
C GLY A 36 20.12 -25.96 -20.24
N SER A 37 20.77 -26.48 -19.20
CA SER A 37 20.05 -27.02 -18.06
C SER A 37 19.50 -25.87 -17.20
N ASN A 38 18.82 -26.24 -16.12
CA ASN A 38 18.28 -25.27 -15.17
C ASN A 38 19.39 -24.92 -14.18
N GLY A 39 20.17 -23.90 -14.51
CA GLY A 39 21.30 -23.52 -13.69
C GLY A 39 22.47 -23.02 -14.52
N ALA A 40 22.40 -23.23 -15.83
CA ALA A 40 23.43 -22.71 -16.72
C ALA A 40 23.27 -21.19 -16.87
N GLY A 41 24.13 -20.60 -17.68
CA GLY A 41 24.12 -19.16 -17.85
C GLY A 41 23.23 -18.67 -18.97
N LYS A 42 21.94 -19.01 -18.93
CA LYS A 42 21.04 -18.58 -20.00
C LYS A 42 20.60 -17.14 -19.81
N THR A 43 19.95 -16.83 -18.67
CA THR A 43 19.53 -15.46 -18.42
C THR A 43 20.73 -14.52 -18.31
N THR A 44 21.82 -14.99 -17.69
CA THR A 44 23.01 -14.16 -17.58
C THR A 44 23.55 -13.78 -18.95
N LEU A 45 23.56 -14.74 -19.89
CA LEU A 45 23.97 -14.43 -21.25
C LEU A 45 23.03 -13.42 -21.90
N LEU A 46 21.73 -13.57 -21.67
CA LEU A 46 20.77 -12.64 -22.25
C LEU A 46 20.97 -11.22 -21.72
N ARG A 47 21.21 -11.08 -20.41
CA ARG A 47 21.43 -9.74 -19.86
C ARG A 47 22.76 -9.17 -20.33
N LEU A 48 23.75 -10.03 -20.60
CA LEU A 48 24.97 -9.56 -21.26
C LEU A 48 24.68 -9.05 -22.67
N LEU A 49 23.79 -9.74 -23.39
CA LEU A 49 23.47 -9.34 -24.76
C LEU A 49 22.70 -8.02 -24.79
N THR A 50 21.77 -7.83 -23.86
CA THR A 50 20.96 -6.62 -23.85
C THR A 50 21.72 -5.41 -23.31
N GLY A 51 22.93 -5.59 -22.81
CA GLY A 51 23.70 -4.48 -22.29
C GLY A 51 23.37 -4.06 -20.88
N LEU A 52 22.42 -4.71 -20.23
CA LEU A 52 22.10 -4.38 -18.84
C LEU A 52 23.26 -4.67 -17.91
N SER A 53 24.01 -5.74 -18.17
CA SER A 53 25.14 -6.13 -17.35
C SER A 53 26.41 -6.16 -18.20
N ARG A 54 27.52 -5.81 -17.56
CA ARG A 54 28.82 -5.82 -18.25
C ARG A 54 29.45 -7.20 -18.16
N PRO A 55 30.04 -7.70 -19.25
CA PRO A 55 30.70 -9.00 -19.20
C PRO A 55 31.91 -8.97 -18.29
N ASP A 56 32.20 -10.13 -17.69
CA ASP A 56 33.37 -10.24 -16.82
C ASP A 56 34.65 -10.01 -17.59
N ALA A 57 34.79 -10.64 -18.76
CA ALA A 57 35.96 -10.45 -19.61
C ALA A 57 35.55 -10.71 -21.05
N GLY A 58 35.32 -9.64 -21.80
CA GLY A 58 34.88 -9.76 -23.17
C GLY A 58 33.97 -8.60 -23.52
N GLU A 59 33.60 -8.56 -24.80
CA GLU A 59 32.76 -7.48 -25.30
C GLU A 59 31.79 -8.03 -26.33
N VAL A 60 30.63 -7.39 -26.42
CA VAL A 60 29.60 -7.72 -27.40
C VAL A 60 29.32 -6.48 -28.24
N LEU A 61 29.23 -6.68 -29.56
CA LEU A 61 29.22 -5.60 -30.52
C LEU A 61 27.91 -5.61 -31.29
N TRP A 62 27.18 -4.49 -31.26
CA TRP A 62 26.05 -4.25 -32.13
C TRP A 62 26.52 -3.44 -33.33
N GLN A 63 26.33 -4.00 -34.53
CA GLN A 63 26.54 -3.28 -35.79
C GLN A 63 27.96 -2.71 -35.90
N GLY A 64 28.90 -3.27 -35.12
CA GLY A 64 30.27 -2.84 -35.17
C GLY A 64 30.73 -1.96 -34.02
N GLN A 65 29.80 -1.41 -33.24
CA GLN A 65 30.19 -0.62 -32.08
C GLN A 65 29.71 -1.27 -30.79
N PRO A 66 30.51 -1.22 -29.73
CA PRO A 66 30.09 -1.81 -28.46
C PRO A 66 28.86 -1.12 -27.90
N LEU A 67 28.09 -1.89 -27.11
CA LEU A 67 26.77 -1.43 -26.69
C LEU A 67 26.80 -0.21 -25.79
N HIS A 68 27.93 0.12 -25.19
CA HIS A 68 28.01 1.39 -24.47
C HIS A 68 28.29 2.56 -25.41
N GLN A 69 28.87 2.27 -26.59
CA GLN A 69 29.19 3.32 -27.54
C GLN A 69 27.99 3.77 -28.36
N VAL A 70 26.94 2.96 -28.45
CA VAL A 70 25.77 3.39 -29.22
C VAL A 70 24.62 3.76 -28.29
N ARG A 71 24.05 2.77 -27.60
CA ARG A 71 23.12 2.97 -26.49
C ARG A 71 21.87 3.76 -26.91
N ASP A 72 21.82 4.19 -28.17
CA ASP A 72 20.64 4.87 -28.69
C ASP A 72 20.19 4.23 -29.99
N SER A 73 21.16 3.81 -30.80
CA SER A 73 20.88 3.09 -32.03
C SER A 73 20.57 1.62 -31.79
N TYR A 74 20.64 1.18 -30.54
CA TYR A 74 20.39 -0.21 -30.17
C TYR A 74 19.10 -0.37 -29.37
N HIS A 75 18.82 0.56 -28.46
CA HIS A 75 17.59 0.46 -27.67
C HIS A 75 16.35 0.86 -28.49
N GLN A 76 16.53 1.56 -29.61
CA GLN A 76 15.41 1.79 -30.51
C GLN A 76 14.89 0.47 -31.06
N ASN A 77 15.78 -0.40 -31.53
CA ASN A 77 15.42 -1.70 -32.08
C ASN A 77 15.92 -2.82 -31.16
N LEU A 78 15.16 -3.05 -30.10
CA LEU A 78 15.45 -4.09 -29.13
C LEU A 78 14.18 -4.33 -28.32
N LEU A 79 13.92 -5.60 -28.00
CA LEU A 79 12.72 -5.97 -27.27
C LEU A 79 13.06 -7.12 -26.34
N TRP A 80 13.31 -6.82 -25.07
CA TRP A 80 13.65 -7.83 -24.07
C TRP A 80 12.48 -8.03 -23.12
N ILE A 81 12.07 -9.28 -22.96
CA ILE A 81 11.04 -9.68 -22.01
C ILE A 81 11.63 -10.79 -21.16
N GLY A 82 12.07 -10.46 -19.95
CA GLY A 82 12.77 -11.39 -19.09
C GLY A 82 11.83 -12.27 -18.28
N HIS A 83 12.41 -12.91 -17.28
CA HIS A 83 11.60 -13.74 -16.38
C HIS A 83 10.52 -12.91 -15.70
N GLN A 84 10.89 -11.73 -15.22
CA GLN A 84 9.89 -10.78 -14.74
C GLN A 84 9.28 -10.05 -15.93
N PRO A 85 7.95 -10.01 -16.05
CA PRO A 85 7.35 -9.45 -17.26
C PRO A 85 7.62 -7.98 -17.48
N GLY A 86 7.87 -7.21 -16.43
CA GLY A 86 8.12 -5.79 -16.59
C GLY A 86 6.89 -4.96 -16.77
N ILE A 87 5.80 -5.31 -16.10
CA ILE A 87 4.54 -4.57 -16.22
C ILE A 87 4.10 -4.11 -14.84
N LYS A 88 3.69 -2.86 -14.75
CA LYS A 88 3.21 -2.28 -13.51
C LYS A 88 1.92 -2.97 -13.10
N THR A 89 1.93 -3.61 -11.92
CA THR A 89 0.82 -4.47 -11.54
C THR A 89 -0.42 -3.69 -11.11
N ARG A 90 -0.30 -2.39 -10.86
CA ARG A 90 -1.45 -1.63 -10.41
C ARG A 90 -2.27 -1.07 -11.57
N LEU A 91 -1.62 -0.78 -12.70
CA LEU A 91 -2.33 -0.22 -13.84
C LEU A 91 -3.18 -1.29 -14.52
N THR A 92 -4.03 -0.84 -15.44
CA THR A 92 -4.84 -1.76 -16.21
C THR A 92 -4.03 -2.33 -17.38
N ALA A 93 -4.67 -3.16 -18.19
CA ALA A 93 -3.97 -3.79 -19.29
C ALA A 93 -3.71 -2.82 -20.43
N LEU A 94 -4.43 -1.69 -20.47
CA LEU A 94 -4.30 -0.77 -21.60
C LEU A 94 -3.20 0.25 -21.38
N GLU A 95 -3.32 1.08 -20.32
CA GLU A 95 -2.33 2.12 -20.10
C GLU A 95 -0.96 1.53 -19.78
N ASN A 96 -0.91 0.27 -19.34
CA ASN A 96 0.37 -0.40 -19.18
C ASN A 96 0.97 -0.73 -20.53
N LEU A 97 0.15 -1.23 -21.46
CA LEU A 97 0.63 -1.45 -22.82
C LEU A 97 0.75 -0.13 -23.59
N HIS A 98 -0.01 0.88 -23.18
CA HIS A 98 0.09 2.20 -23.81
C HIS A 98 1.46 2.80 -23.60
N PHE A 99 2.11 2.49 -22.48
CA PHE A 99 3.41 3.07 -22.19
C PHE A 99 4.50 2.56 -23.13
N TYR A 100 4.40 1.31 -23.57
CA TYR A 100 5.44 0.70 -24.37
C TYR A 100 5.28 0.92 -25.87
N HIS A 101 4.22 1.60 -26.29
CA HIS A 101 4.01 1.89 -27.70
C HIS A 101 4.71 3.18 -28.09
N ARG A 102 4.84 3.40 -29.40
CA ARG A 102 5.48 4.62 -29.90
C ARG A 102 4.68 5.85 -29.49
N ASP A 103 3.38 5.85 -29.79
CA ASP A 103 2.52 6.97 -29.43
C ASP A 103 1.29 6.48 -28.68
N GLY A 104 0.86 5.26 -28.98
CA GLY A 104 -0.31 4.70 -28.33
C GLY A 104 -1.62 5.21 -28.89
N ASP A 105 -1.87 4.91 -30.17
CA ASP A 105 -3.11 5.35 -30.81
C ASP A 105 -4.34 4.78 -30.14
N THR A 106 -4.20 3.69 -29.37
CA THR A 106 -5.30 2.99 -28.72
C THR A 106 -6.18 2.33 -29.78
N ALA A 107 -5.79 2.46 -31.04
CA ALA A 107 -6.35 1.66 -32.12
C ALA A 107 -5.46 0.48 -32.48
N GLN A 108 -4.15 0.63 -32.31
CA GLN A 108 -3.21 -0.48 -32.47
C GLN A 108 -2.96 -1.23 -31.18
N CYS A 109 -3.00 -0.55 -30.04
CA CYS A 109 -2.87 -1.24 -28.76
C CYS A 109 -4.03 -2.19 -28.49
N LEU A 110 -5.26 -1.77 -28.75
CA LEU A 110 -6.41 -2.65 -28.62
C LEU A 110 -6.35 -3.80 -29.62
N GLU A 111 -5.89 -3.53 -30.84
CA GLU A 111 -5.76 -4.58 -31.83
C GLU A 111 -4.75 -5.62 -31.39
N ALA A 112 -3.62 -5.17 -30.81
CA ALA A 112 -2.63 -6.12 -30.29
C ALA A 112 -3.18 -6.90 -29.11
N LEU A 113 -3.88 -6.24 -28.19
CA LEU A 113 -4.41 -6.94 -27.03
C LEU A 113 -5.43 -8.01 -27.44
N ALA A 114 -6.30 -7.69 -28.40
CA ALA A 114 -7.20 -8.71 -28.92
C ALA A 114 -6.45 -9.77 -29.70
N GLN A 115 -5.34 -9.39 -30.34
CA GLN A 115 -4.55 -10.33 -31.12
C GLN A 115 -3.84 -11.35 -30.26
N ALA A 116 -3.39 -10.97 -29.07
CA ALA A 116 -2.70 -11.89 -28.16
C ALA A 116 -3.66 -12.80 -27.40
N GLY A 117 -4.94 -12.79 -27.74
CA GLY A 117 -5.92 -13.61 -27.07
C GLY A 117 -6.53 -13.00 -25.83
N LEU A 118 -6.04 -11.84 -25.39
CA LEU A 118 -6.56 -11.16 -24.21
C LEU A 118 -7.67 -10.18 -24.56
N ALA A 119 -8.71 -10.68 -25.22
CA ALA A 119 -9.85 -9.86 -25.61
C ALA A 119 -10.88 -9.83 -24.49
N GLY A 120 -11.39 -8.63 -24.20
CA GLY A 120 -12.36 -8.44 -23.14
C GLY A 120 -11.78 -8.12 -21.79
N PHE A 121 -10.49 -8.38 -21.58
CA PHE A 121 -9.79 -7.99 -20.36
C PHE A 121 -8.99 -6.71 -20.58
N GLU A 122 -9.51 -5.82 -21.43
CA GLU A 122 -8.77 -4.66 -21.88
C GLU A 122 -8.87 -3.49 -20.91
N ASP A 123 -9.70 -3.60 -19.87
CA ASP A 123 -9.87 -2.54 -18.88
C ASP A 123 -9.71 -3.03 -17.45
N ILE A 124 -9.57 -4.33 -17.23
CA ILE A 124 -9.36 -4.86 -15.88
C ILE A 124 -7.95 -4.51 -15.42
N PRO A 125 -7.75 -4.12 -14.15
CA PRO A 125 -6.38 -3.96 -13.64
C PRO A 125 -5.60 -5.25 -13.77
N VAL A 126 -4.33 -5.11 -14.13
CA VAL A 126 -3.54 -6.28 -14.50
C VAL A 126 -3.22 -7.18 -13.31
N ASN A 127 -3.28 -6.65 -12.08
CA ASN A 127 -3.08 -7.52 -10.93
C ASN A 127 -4.21 -8.53 -10.78
N GLN A 128 -5.39 -8.22 -11.33
CA GLN A 128 -6.50 -9.16 -11.32
C GLN A 128 -6.42 -10.18 -12.45
N LEU A 129 -5.56 -9.95 -13.44
CA LEU A 129 -5.34 -10.95 -14.48
C LEU A 129 -4.64 -12.16 -13.87
N SER A 130 -5.05 -13.35 -14.31
CA SER A 130 -4.88 -14.54 -13.47
C SER A 130 -3.42 -14.94 -13.22
N ALA A 131 -2.77 -15.57 -14.20
CA ALA A 131 -1.34 -15.83 -14.11
C ALA A 131 -0.61 -15.77 -15.43
N GLY A 132 -1.27 -16.02 -16.55
CA GLY A 132 -0.65 -15.99 -17.86
C GLY A 132 -1.18 -14.81 -18.64
N GLN A 133 -2.39 -14.37 -18.28
CA GLN A 133 -2.91 -13.11 -18.78
C GLN A 133 -2.00 -11.96 -18.38
N GLN A 134 -1.35 -12.07 -17.22
CA GLN A 134 -0.31 -11.12 -16.86
C GLN A 134 0.88 -11.24 -17.81
N ARG A 135 1.27 -12.47 -18.14
CA ARG A 135 2.34 -12.65 -19.11
C ARG A 135 1.89 -12.30 -20.51
N ARG A 136 0.60 -12.49 -20.82
CA ARG A 136 0.08 -12.09 -22.13
C ARG A 136 0.12 -10.58 -22.29
N VAL A 137 -0.05 -9.82 -21.20
CA VAL A 137 0.09 -8.37 -21.29
C VAL A 137 1.48 -8.00 -21.74
N ALA A 138 2.50 -8.61 -21.13
CA ALA A 138 3.87 -8.33 -21.52
C ALA A 138 4.16 -8.80 -22.94
N LEU A 139 3.63 -9.95 -23.33
CA LEU A 139 3.94 -10.52 -24.64
C LEU A 139 3.09 -9.95 -25.76
N ALA A 140 2.10 -9.12 -25.45
CA ALA A 140 1.34 -8.44 -26.50
C ALA A 140 2.20 -7.45 -27.27
N ARG A 141 3.34 -7.03 -26.71
CA ARG A 141 4.21 -6.08 -27.38
C ARG A 141 4.88 -6.66 -28.63
N LEU A 142 4.78 -7.98 -28.81
CA LEU A 142 5.32 -8.59 -30.04
C LEU A 142 4.56 -8.14 -31.27
N TRP A 143 3.34 -7.62 -31.12
CA TRP A 143 2.55 -7.15 -32.24
C TRP A 143 2.60 -5.64 -32.42
N LEU A 144 2.95 -4.89 -31.38
CA LEU A 144 3.10 -3.44 -31.47
C LEU A 144 4.47 -3.03 -32.00
N THR A 145 5.54 -3.49 -31.35
CA THR A 145 6.86 -2.94 -31.60
C THR A 145 7.36 -3.28 -33.00
N ARG A 146 8.14 -2.36 -33.56
CA ARG A 146 8.83 -2.56 -34.83
C ARG A 146 10.30 -2.92 -34.64
N ALA A 147 10.68 -3.33 -33.42
CA ALA A 147 12.06 -3.69 -33.14
C ALA A 147 12.48 -4.88 -34.00
N THR A 148 13.75 -4.86 -34.42
CA THR A 148 14.30 -5.90 -35.27
C THR A 148 15.18 -6.88 -34.49
N LEU A 149 14.97 -7.01 -33.18
CA LEU A 149 15.74 -7.94 -32.38
C LEU A 149 15.00 -8.19 -31.08
N TRP A 150 14.59 -9.44 -30.85
CA TRP A 150 13.78 -9.83 -29.71
C TRP A 150 14.62 -10.71 -28.80
N ILE A 151 14.89 -10.24 -27.57
CA ILE A 151 15.52 -11.06 -26.55
C ILE A 151 14.40 -11.53 -25.62
N LEU A 152 13.80 -12.66 -25.94
CA LEU A 152 12.70 -13.21 -25.15
C LEU A 152 13.25 -14.28 -24.22
N ASP A 153 13.01 -14.12 -22.93
CA ASP A 153 13.50 -15.05 -21.91
C ASP A 153 12.32 -15.78 -21.30
N GLU A 154 12.14 -17.05 -21.69
CA GLU A 154 11.08 -17.92 -21.20
C GLU A 154 9.73 -17.24 -21.39
N PRO A 155 9.23 -17.13 -22.63
CA PRO A 155 7.91 -16.51 -22.84
C PRO A 155 6.76 -17.48 -22.67
N PHE A 156 6.99 -18.79 -22.72
CA PHE A 156 5.94 -19.78 -22.53
C PHE A 156 5.84 -20.25 -21.09
N THR A 157 6.15 -19.37 -20.13
CA THR A 157 6.25 -19.78 -18.74
C THR A 157 4.91 -20.27 -18.18
N ALA A 158 3.82 -19.59 -18.53
CA ALA A 158 2.52 -19.94 -17.98
C ALA A 158 1.41 -19.80 -19.02
N ILE A 159 1.71 -20.09 -20.28
CA ILE A 159 0.76 -19.92 -21.37
C ILE A 159 0.34 -21.28 -21.90
N ASP A 160 -0.96 -21.44 -22.17
CA ASP A 160 -1.49 -22.71 -22.63
C ASP A 160 -1.05 -22.99 -24.07
N VAL A 161 -1.53 -24.11 -24.61
CA VAL A 161 -1.07 -24.58 -25.91
C VAL A 161 -1.47 -23.60 -27.01
N ASN A 162 -2.67 -23.02 -26.93
CA ASN A 162 -3.11 -22.09 -27.95
C ASN A 162 -2.22 -20.85 -27.99
N GLY A 163 -1.94 -20.26 -26.83
CA GLY A 163 -1.07 -19.10 -26.79
C GLY A 163 0.34 -19.43 -27.23
N VAL A 164 0.84 -20.60 -26.87
CA VAL A 164 2.17 -21.02 -27.30
C VAL A 164 2.22 -21.14 -28.81
N ASP A 165 1.20 -21.73 -29.42
CA ASP A 165 1.17 -21.87 -30.87
C ASP A 165 1.08 -20.51 -31.55
N ARG A 166 0.27 -19.59 -31.00
CA ARG A 166 0.16 -18.26 -31.57
C ARG A 166 1.49 -17.52 -31.50
N LEU A 167 2.16 -17.59 -30.34
CA LEU A 167 3.46 -16.94 -30.19
C LEU A 167 4.49 -17.55 -31.13
N THR A 168 4.48 -18.87 -31.28
CA THR A 168 5.42 -19.53 -32.19
C THR A 168 5.19 -19.08 -33.63
N GLN A 169 3.93 -18.99 -34.05
CA GLN A 169 3.65 -18.52 -35.40
C GLN A 169 4.10 -17.07 -35.58
N ARG A 170 3.83 -16.22 -34.59
CA ARG A 170 4.24 -14.82 -34.70
C ARG A 170 5.76 -14.69 -34.81
N MET A 171 6.49 -15.42 -33.97
CA MET A 171 7.95 -15.35 -34.02
C MET A 171 8.48 -15.94 -35.32
N ALA A 172 7.83 -16.99 -35.83
CA ALA A 172 8.29 -17.61 -37.06
C ALA A 172 8.11 -16.67 -38.25
N GLN A 173 7.00 -15.93 -38.29
CA GLN A 173 6.82 -15.01 -39.41
C GLN A 173 7.63 -13.72 -39.23
N HIS A 174 7.88 -13.30 -37.98
CA HIS A 174 8.70 -12.12 -37.76
C HIS A 174 10.15 -12.36 -38.17
N THR A 175 10.72 -13.50 -37.80
CA THR A 175 12.08 -13.85 -38.19
C THR A 175 12.22 -14.10 -39.68
N GLU A 176 11.10 -14.21 -40.40
CA GLU A 176 11.15 -14.47 -41.83
C GLU A 176 11.55 -13.24 -42.64
N GLN A 177 11.18 -12.04 -42.21
CA GLN A 177 11.49 -10.85 -43.00
C GLN A 177 12.90 -10.36 -42.74
N GLY A 178 13.15 -9.85 -41.54
CA GLY A 178 14.49 -9.44 -41.16
C GLY A 178 14.80 -9.63 -39.68
N GLY A 179 13.84 -10.16 -38.93
CA GLY A 179 13.95 -10.14 -37.49
C GLY A 179 15.00 -11.11 -36.97
N ILE A 180 15.27 -10.99 -35.67
CA ILE A 180 16.16 -11.89 -34.95
C ILE A 180 15.55 -12.12 -33.58
N VAL A 181 15.35 -13.38 -33.22
CA VAL A 181 14.77 -13.74 -31.94
C VAL A 181 15.74 -14.66 -31.21
N ILE A 182 16.26 -14.19 -30.08
CA ILE A 182 17.04 -15.02 -29.17
C ILE A 182 16.10 -15.53 -28.10
N LEU A 183 15.99 -16.85 -27.97
CA LEU A 183 14.94 -17.47 -27.19
C LEU A 183 15.52 -18.48 -26.23
N THR A 184 14.95 -18.53 -25.02
CA THR A 184 15.34 -19.48 -23.99
C THR A 184 14.08 -20.18 -23.49
N THR A 185 13.82 -21.38 -24.00
CA THR A 185 12.63 -22.13 -23.62
C THR A 185 13.01 -23.54 -23.17
N HIS A 186 12.35 -24.01 -22.13
CA HIS A 186 12.47 -25.39 -21.69
C HIS A 186 11.44 -26.30 -22.34
N GLN A 187 10.31 -25.74 -22.75
CA GLN A 187 9.34 -26.50 -23.53
C GLN A 187 9.81 -26.55 -24.98
N PRO A 188 9.99 -27.74 -25.57
CA PRO A 188 10.47 -27.80 -26.95
C PRO A 188 9.51 -27.12 -27.91
N LEU A 189 10.08 -26.44 -28.90
CA LEU A 189 9.28 -25.70 -29.86
C LEU A 189 8.73 -26.64 -30.93
N ASN A 190 7.48 -26.39 -31.33
CA ASN A 190 6.79 -27.22 -32.31
C ASN A 190 6.97 -26.65 -33.73
N VAL A 191 8.22 -26.54 -34.13
CA VAL A 191 8.59 -26.07 -35.46
C VAL A 191 9.72 -26.96 -35.97
N ALA A 192 9.92 -26.94 -37.29
CA ALA A 192 10.94 -27.78 -37.91
C ALA A 192 12.32 -27.46 -37.34
N GLU A 193 13.15 -28.50 -37.27
CA GLU A 193 14.47 -28.36 -36.66
C GLU A 193 15.37 -27.42 -37.45
N SER A 194 15.22 -27.38 -38.78
CA SER A 194 16.06 -26.52 -39.61
C SER A 194 15.80 -25.04 -39.37
N LYS A 195 14.62 -24.68 -38.84
CA LYS A 195 14.30 -23.27 -38.64
C LYS A 195 15.12 -22.68 -37.50
N ILE A 196 15.40 -23.46 -36.45
CA ILE A 196 16.07 -22.98 -35.25
C ILE A 196 17.54 -23.32 -35.34
N ARG A 197 18.39 -22.33 -35.07
CA ARG A 197 19.83 -22.54 -34.92
C ARG A 197 20.15 -22.48 -33.43
N ARG A 198 20.43 -23.64 -32.84
CA ARG A 198 20.73 -23.72 -31.41
C ARG A 198 22.20 -23.46 -31.17
N ILE A 199 22.50 -22.73 -30.10
CA ILE A 199 23.86 -22.53 -29.62
C ILE A 199 23.91 -22.91 -28.15
N SER A 200 24.91 -23.69 -27.77
CA SER A 200 25.03 -24.18 -26.41
C SER A 200 26.07 -23.37 -25.64
N LEU A 201 26.00 -23.47 -24.33
CA LEU A 201 26.92 -22.75 -23.45
C LEU A 201 28.18 -23.58 -23.28
N THR A 202 29.29 -23.09 -23.81
CA THR A 202 30.56 -23.81 -23.74
C THR A 202 31.56 -23.11 -22.84
N MET B 1 11.33 6.49 -24.17
CA MET B 1 11.01 7.58 -25.09
C MET B 1 9.96 8.48 -24.45
N MET B 2 9.99 9.77 -24.84
CA MET B 2 9.00 10.75 -24.41
C MET B 2 8.98 10.84 -22.87
N PHE B 3 10.06 11.44 -22.37
CA PHE B 3 10.28 11.71 -20.95
C PHE B 3 8.98 12.12 -20.23
N TRP B 4 8.17 12.93 -20.90
CA TRP B 4 6.90 13.35 -20.31
C TRP B 4 5.95 12.17 -20.15
N ARG B 5 6.04 11.16 -21.02
CA ARG B 5 5.24 9.96 -20.83
C ARG B 5 5.64 9.23 -19.55
N ILE B 6 6.96 9.19 -19.26
CA ILE B 6 7.42 8.60 -18.02
C ILE B 6 6.88 9.39 -16.83
N PHE B 7 6.92 10.72 -16.92
CA PHE B 7 6.43 11.56 -15.84
C PHE B 7 4.94 11.31 -15.58
N ARG B 8 4.13 11.29 -16.64
CA ARG B 8 2.70 11.03 -16.49
C ARG B 8 2.43 9.61 -16.01
N LEU B 9 3.25 8.65 -16.44
CA LEU B 9 3.10 7.28 -15.95
C LEU B 9 3.31 7.21 -14.45
N GLU B 10 4.37 7.85 -13.95
CA GLU B 10 4.63 7.84 -12.52
C GLU B 10 3.56 8.60 -11.75
N LEU B 11 3.01 9.66 -12.36
CA LEU B 11 1.87 10.32 -11.73
C LEU B 11 0.67 9.40 -11.64
N ARG B 12 0.40 8.62 -12.70
CA ARG B 12 -0.72 7.71 -12.71
C ARG B 12 -0.55 6.62 -11.65
N VAL B 13 0.67 6.10 -11.51
CA VAL B 13 0.92 5.04 -10.54
C VAL B 13 0.54 5.47 -9.12
N ALA B 14 0.72 6.74 -8.78
CA ALA B 14 0.37 7.20 -7.44
C ALA B 14 -1.14 7.43 -7.31
N PHE B 15 -1.71 8.25 -8.17
CA PHE B 15 -3.13 8.59 -8.11
C PHE B 15 -3.89 7.88 -9.21
N ARG B 16 -4.93 7.14 -8.83
CA ARG B 16 -5.85 6.56 -9.80
C ARG B 16 -7.24 7.18 -9.76
N HIS B 17 -7.63 7.81 -8.66
CA HIS B 17 -8.94 8.42 -8.51
C HIS B 17 -8.76 9.82 -7.96
N SER B 18 -9.65 10.73 -8.38
CA SER B 18 -9.54 12.13 -7.98
C SER B 18 -9.59 12.33 -6.48
N ALA B 19 -10.30 11.46 -5.75
CA ALA B 19 -10.34 11.55 -4.29
C ALA B 19 -9.04 11.06 -3.64
N GLU B 20 -8.20 10.35 -4.37
CA GLU B 20 -6.91 9.90 -3.84
C GLU B 20 -5.82 10.96 -3.97
N ILE B 21 -6.11 12.08 -4.62
CA ILE B 21 -5.13 13.16 -4.75
C ILE B 21 -4.83 13.78 -3.40
N ALA B 22 -5.83 13.88 -2.53
CA ALA B 22 -5.70 14.63 -1.28
C ALA B 22 -5.02 13.84 -0.17
N ASN B 23 -4.62 12.59 -0.42
CA ASN B 23 -3.99 11.80 0.64
C ASN B 23 -2.76 12.47 1.25
N PRO B 24 -1.81 13.01 0.47
CA PRO B 24 -0.69 13.71 1.12
C PRO B 24 -1.12 14.90 1.96
N LEU B 25 -2.18 15.60 1.56
CA LEU B 25 -2.67 16.72 2.37
C LEU B 25 -3.12 16.26 3.74
N TRP B 26 -3.90 15.18 3.79
CA TRP B 26 -4.36 14.66 5.07
C TRP B 26 -3.20 14.11 5.89
N PHE B 27 -2.23 13.46 5.23
CA PHE B 27 -1.05 12.98 5.93
C PHE B 27 -0.29 14.13 6.57
N PHE B 28 -0.13 15.22 5.83
CA PHE B 28 0.55 16.40 6.36
C PHE B 28 -0.22 17.00 7.53
N LEU B 29 -1.54 17.07 7.41
CA LEU B 29 -2.34 17.62 8.50
C LEU B 29 -2.19 16.78 9.77
N ILE B 30 -2.26 15.46 9.64
CA ILE B 30 -2.13 14.60 10.82
C ILE B 30 -0.73 14.73 11.43
N VAL B 31 0.30 14.75 10.59
CA VAL B 31 1.66 14.86 11.12
C VAL B 31 1.84 16.19 11.85
N ILE B 32 1.31 17.27 11.29
CA ILE B 32 1.42 18.57 11.96
C ILE B 32 0.67 18.55 13.28
N THR B 33 -0.55 18.01 13.29
CA THR B 33 -1.33 17.97 14.53
C THR B 33 -0.75 17.04 15.57
N LEU B 34 0.16 16.14 15.17
CA LEU B 34 0.78 15.25 16.15
C LEU B 34 1.58 16.03 17.19
N PHE B 35 2.10 17.21 16.85
CA PHE B 35 2.97 17.95 17.76
C PHE B 35 2.21 18.69 18.86
N PRO B 36 1.16 19.45 18.56
CA PRO B 36 0.46 20.16 19.65
C PRO B 36 -0.12 19.24 20.71
N LEU B 37 -0.49 18.01 20.34
CA LEU B 37 -0.98 17.07 21.34
C LEU B 37 0.09 16.65 22.34
N SER B 38 1.36 16.78 21.97
CA SER B 38 2.48 16.42 22.84
C SER B 38 3.16 17.62 23.46
N ILE B 39 3.54 18.61 22.65
CA ILE B 39 4.19 19.80 23.17
C ILE B 39 3.22 20.61 24.02
N GLY B 40 2.01 20.82 23.52
CA GLY B 40 1.01 21.59 24.22
C GLY B 40 0.24 22.52 23.32
N PRO B 41 -0.87 23.07 23.82
CA PRO B 41 -1.68 23.97 22.99
C PRO B 41 -1.22 25.41 23.04
N GLU B 42 -0.17 25.72 23.79
CA GLU B 42 0.30 27.10 23.90
C GLU B 42 0.74 27.61 22.54
N PRO B 43 0.24 28.77 22.09
CA PRO B 43 0.49 29.19 20.71
C PRO B 43 1.85 29.83 20.50
N GLN B 44 2.37 30.52 21.51
CA GLN B 44 3.67 31.18 21.36
C GLN B 44 4.80 30.18 21.23
N LEU B 45 4.74 29.09 22.01
CA LEU B 45 5.78 28.07 21.93
C LEU B 45 5.78 27.40 20.56
N LEU B 46 4.60 27.13 20.00
CA LEU B 46 4.51 26.46 18.71
C LEU B 46 5.10 27.31 17.58
N ALA B 47 5.11 28.63 17.73
CA ALA B 47 5.68 29.49 16.70
C ALA B 47 7.18 29.24 16.53
N ARG B 48 7.89 29.04 17.65
CA ARG B 48 9.33 28.81 17.58
C ARG B 48 9.66 27.40 17.11
N ILE B 49 8.73 26.46 17.27
CA ILE B 49 8.97 25.07 16.85
C ILE B 49 8.45 24.79 15.45
N ALA B 50 7.75 25.75 14.83
CA ALA B 50 7.16 25.52 13.51
C ALA B 50 8.17 25.05 12.47
N PRO B 51 9.37 25.63 12.35
CA PRO B 51 10.31 25.12 11.33
C PRO B 51 10.64 23.65 11.51
N GLY B 52 10.98 23.24 12.73
CA GLY B 52 11.29 21.84 12.96
C GLY B 52 10.11 20.94 12.65
N ILE B 53 8.91 21.36 13.04
CA ILE B 53 7.72 20.54 12.80
C ILE B 53 7.50 20.33 11.31
N ILE B 54 7.50 21.43 10.54
CA ILE B 54 7.17 21.32 9.13
C ILE B 54 8.27 20.58 8.37
N TRP B 55 9.54 20.78 8.76
CA TRP B 55 10.59 20.09 8.04
C TRP B 55 10.68 18.63 8.43
N VAL B 56 10.31 18.27 9.65
CA VAL B 56 10.17 16.86 10.01
C VAL B 56 9.07 16.23 9.17
N ALA B 57 7.94 16.94 9.00
CA ALA B 57 6.87 16.42 8.16
C ALA B 57 7.34 16.22 6.73
N ALA B 58 8.06 17.20 6.18
CA ALA B 58 8.55 17.09 4.80
C ALA B 58 9.54 15.94 4.64
N LEU B 59 10.46 15.79 5.60
CA LEU B 59 11.41 14.70 5.55
C LEU B 59 10.73 13.36 5.64
N LEU B 60 9.73 13.23 6.52
CA LEU B 60 9.01 11.97 6.62
C LEU B 60 8.28 11.65 5.33
N SER B 61 7.65 12.65 4.72
CA SER B 61 6.95 12.41 3.45
C SER B 61 7.92 11.98 2.36
N SER B 62 9.07 12.65 2.27
CA SER B 62 10.06 12.27 1.28
C SER B 62 10.58 10.86 1.51
N LEU B 63 10.82 10.50 2.78
CA LEU B 63 11.25 9.15 3.09
C LEU B 63 10.22 8.11 2.69
N LEU B 64 8.94 8.39 2.99
CA LEU B 64 7.88 7.43 2.68
C LEU B 64 7.72 7.27 1.18
N ALA B 65 7.85 8.37 0.42
CA ALA B 65 7.70 8.28 -1.02
C ALA B 65 8.94 7.75 -1.72
N LEU B 66 10.10 7.80 -1.08
CA LEU B 66 11.32 7.31 -1.73
C LEU B 66 11.31 5.80 -1.88
N GLU B 67 10.72 5.09 -0.92
CA GLU B 67 10.65 3.63 -1.02
C GLU B 67 9.83 3.19 -2.21
N ARG B 68 8.74 3.93 -2.52
CA ARG B 68 7.95 3.60 -3.69
C ARG B 68 8.72 3.82 -4.98
N LEU B 69 9.75 4.67 -4.94
CA LEU B 69 10.37 5.15 -6.18
C LEU B 69 11.07 4.02 -6.94
N PHE B 70 11.82 3.18 -6.25
CA PHE B 70 12.63 2.18 -6.91
C PHE B 70 12.41 0.76 -6.40
N ARG B 71 12.07 0.57 -5.12
CA ARG B 71 11.94 -0.78 -4.59
C ARG B 71 10.77 -1.52 -5.24
N ASP B 72 9.71 -0.79 -5.60
CA ASP B 72 8.59 -1.41 -6.30
C ASP B 72 8.97 -1.82 -7.71
N ASP B 73 9.73 -0.98 -8.41
CA ASP B 73 10.01 -1.24 -9.82
C ASP B 73 11.00 -2.40 -9.99
N LEU B 74 11.83 -2.65 -8.98
CA LEU B 74 12.84 -3.70 -9.12
C LEU B 74 12.20 -5.07 -9.33
N GLN B 75 11.10 -5.35 -8.62
CA GLN B 75 10.49 -6.67 -8.70
C GLN B 75 9.99 -6.97 -10.10
N ASP B 76 9.37 -6.00 -10.77
CA ASP B 76 8.85 -6.20 -12.12
C ASP B 76 9.53 -5.34 -13.17
N GLY B 77 9.56 -4.02 -13.00
CA GLY B 77 9.89 -3.16 -14.12
C GLY B 77 10.89 -2.03 -13.91
N SER B 78 11.86 -2.21 -13.02
CA SER B 78 12.97 -1.26 -12.97
C SER B 78 13.81 -1.38 -14.23
N LEU B 79 13.80 -2.55 -14.85
CA LEU B 79 14.34 -2.72 -16.20
C LEU B 79 13.29 -2.23 -17.18
N GLU B 80 13.48 -2.50 -18.48
CA GLU B 80 12.67 -1.97 -19.57
C GLU B 80 12.79 -0.45 -19.67
N GLN B 81 13.66 0.17 -18.86
CA GLN B 81 13.98 1.58 -18.94
C GLN B 81 15.48 1.82 -19.11
N LEU B 82 16.30 1.04 -18.42
CA LEU B 82 17.71 0.94 -18.80
C LEU B 82 17.85 0.28 -20.16
N MET B 83 17.02 -0.72 -20.41
CA MET B 83 17.08 -1.52 -21.64
C MET B 83 16.36 -0.85 -22.80
N LEU B 84 15.29 -0.13 -22.52
CA LEU B 84 14.48 0.56 -23.52
C LEU B 84 14.54 2.06 -23.26
N LEU B 85 13.65 2.81 -23.94
CA LEU B 85 13.57 4.24 -23.72
C LEU B 85 14.89 4.90 -24.09
N PRO B 86 15.17 5.02 -25.40
CA PRO B 86 16.50 5.46 -25.86
C PRO B 86 17.03 6.75 -25.22
N LEU B 87 16.16 7.53 -24.57
CA LEU B 87 16.65 8.69 -23.85
C LEU B 87 17.52 8.24 -22.68
N PRO B 88 18.56 9.01 -22.34
CA PRO B 88 19.52 8.54 -21.34
C PRO B 88 18.87 8.28 -19.99
N LEU B 89 19.42 7.29 -19.28
CA LEU B 89 18.92 6.95 -17.95
C LEU B 89 18.86 8.13 -16.99
N PRO B 90 19.80 9.09 -17.01
CA PRO B 90 19.60 10.29 -16.18
C PRO B 90 18.28 10.99 -16.42
N ALA B 91 17.79 11.03 -17.66
CA ALA B 91 16.49 11.64 -17.91
C ALA B 91 15.37 10.84 -17.27
N VAL B 92 15.47 9.51 -17.29
CA VAL B 92 14.47 8.68 -16.62
C VAL B 92 14.48 8.95 -15.13
N VAL B 93 15.67 9.06 -14.54
CA VAL B 93 15.76 9.37 -13.11
C VAL B 93 15.19 10.76 -12.83
N LEU B 94 15.42 11.70 -13.74
CA LEU B 94 14.85 13.04 -13.59
C LEU B 94 13.33 13.00 -13.58
N ALA B 95 12.74 12.21 -14.49
CA ALA B 95 11.29 12.05 -14.48
C ALA B 95 10.82 11.43 -13.17
N LYS B 96 11.54 10.41 -12.70
CA LYS B 96 11.18 9.76 -11.44
C LYS B 96 11.16 10.76 -10.29
N VAL B 97 12.23 11.55 -10.14
CA VAL B 97 12.33 12.45 -9.00
C VAL B 97 11.35 13.61 -9.15
N MET B 98 11.09 14.06 -10.38
CA MET B 98 10.10 15.11 -10.58
C MET B 98 8.71 14.65 -10.20
N ALA B 99 8.32 13.43 -10.60
CA ALA B 99 7.04 12.90 -10.17
C ALA B 99 7.00 12.71 -8.66
N HIS B 100 8.11 12.28 -8.07
CA HIS B 100 8.18 12.14 -6.62
C HIS B 100 7.97 13.48 -5.92
N TRP B 101 8.53 14.55 -6.47
CA TRP B 101 8.31 15.87 -5.87
C TRP B 101 6.87 16.32 -6.06
N MET B 102 6.28 16.02 -7.22
CA MET B 102 4.87 16.35 -7.43
C MET B 102 3.98 15.66 -6.42
N VAL B 103 4.22 14.39 -6.13
CA VAL B 103 3.38 13.65 -5.18
C VAL B 103 3.71 14.01 -3.73
N THR B 104 4.91 14.54 -3.45
CA THR B 104 5.33 14.81 -2.09
C THR B 104 5.55 16.28 -1.80
N GLY B 105 6.40 16.95 -2.59
CA GLY B 105 6.72 18.34 -2.34
C GLY B 105 5.59 19.32 -2.58
N LEU B 106 4.87 19.14 -3.68
CA LEU B 106 3.79 20.07 -4.02
C LEU B 106 2.68 20.11 -2.98
N PRO B 107 2.17 18.99 -2.44
CA PRO B 107 1.06 19.10 -1.48
C PRO B 107 1.39 19.94 -0.25
N LEU B 108 2.61 19.87 0.26
CA LEU B 108 2.95 20.68 1.42
C LEU B 108 3.06 22.15 1.06
N LEU B 109 3.44 22.46 -0.18
CA LEU B 109 3.46 23.84 -0.65
C LEU B 109 2.04 24.36 -0.85
N ILE B 110 1.13 23.52 -1.33
CA ILE B 110 -0.26 23.92 -1.47
C ILE B 110 -0.89 24.14 -0.10
N LEU B 111 -0.59 23.26 0.85
CA LEU B 111 -1.10 23.37 2.22
C LEU B 111 -0.36 24.42 3.05
N SER B 112 0.55 25.16 2.44
CA SER B 112 1.35 26.13 3.20
C SER B 112 0.50 27.21 3.88
N PRO B 113 -0.47 27.87 3.23
CA PRO B 113 -1.28 28.84 3.97
C PRO B 113 -2.04 28.24 5.15
N LEU B 114 -2.55 27.01 5.01
CA LEU B 114 -3.34 26.41 6.08
C LEU B 114 -2.49 26.06 7.29
N VAL B 115 -1.29 25.54 7.06
CA VAL B 115 -0.43 25.07 8.14
C VAL B 115 0.31 26.24 8.77
N ALA B 116 0.19 27.42 8.15
CA ALA B 116 0.83 28.60 8.69
C ALA B 116 0.09 29.22 9.86
N MET B 117 -1.24 29.03 9.94
CA MET B 117 -2.00 29.56 11.06
C MET B 117 -2.25 28.54 12.14
N LEU B 118 -2.26 27.25 11.80
CA LEU B 118 -2.34 26.21 12.83
C LEU B 118 -1.14 26.28 13.76
N LEU B 119 0.01 26.68 13.22
CA LEU B 119 1.21 26.87 14.02
C LEU B 119 1.35 28.29 14.54
N GLY B 120 0.68 29.25 13.91
CA GLY B 120 0.64 30.61 14.39
C GLY B 120 1.60 31.60 13.76
N MET B 121 2.29 31.23 12.68
CA MET B 121 3.24 32.13 12.05
C MET B 121 2.52 33.26 11.32
N ASP B 122 3.27 34.33 11.06
CA ASP B 122 2.74 35.50 10.38
C ASP B 122 2.96 35.37 8.87
N VAL B 123 2.74 36.45 8.13
CA VAL B 123 2.85 36.41 6.68
C VAL B 123 4.31 36.28 6.25
N TYR B 124 5.23 36.97 6.93
CA TYR B 124 6.64 36.82 6.61
C TYR B 124 7.12 35.42 6.88
N GLY B 125 6.70 34.84 8.02
CA GLY B 125 7.03 33.45 8.29
C GLY B 125 6.50 32.52 7.20
N TRP B 126 5.27 32.75 6.76
CA TRP B 126 4.72 31.92 5.68
C TRP B 126 5.48 32.14 4.38
N GLN B 127 5.90 33.38 4.11
CA GLN B 127 6.66 33.65 2.90
C GLN B 127 7.97 32.85 2.88
N VAL B 128 8.74 32.94 3.96
CA VAL B 128 10.01 32.22 4.01
C VAL B 128 9.78 30.72 4.04
N MET B 129 8.69 30.27 4.68
CA MET B 129 8.34 28.86 4.69
C MET B 129 8.06 28.34 3.28
N ALA B 130 7.33 29.13 2.49
CA ALA B 130 7.06 28.74 1.10
C ALA B 130 8.33 28.77 0.27
N LEU B 131 9.19 29.78 0.46
CA LEU B 131 10.42 29.87 -0.31
C LEU B 131 11.43 28.78 0.05
N THR B 132 11.38 28.25 1.27
CA THR B 132 12.24 27.12 1.63
C THR B 132 11.63 25.77 1.30
N LEU B 133 10.30 25.67 1.27
CA LEU B 133 9.66 24.43 0.87
C LEU B 133 9.56 24.29 -0.63
N LEU B 134 9.88 25.34 -1.38
CA LEU B 134 9.92 25.29 -2.84
C LEU B 134 11.34 25.11 -3.36
N LEU B 135 12.33 25.60 -2.62
CA LEU B 135 13.71 25.58 -3.07
C LEU B 135 14.54 24.46 -2.44
N GLY B 136 14.05 23.85 -1.37
CA GLY B 136 14.79 22.81 -0.69
C GLY B 136 14.14 21.45 -0.74
N THR B 137 12.81 21.42 -0.78
CA THR B 137 12.09 20.15 -0.89
C THR B 137 12.43 19.39 -2.18
N PRO B 138 12.52 20.02 -3.35
CA PRO B 138 12.97 19.26 -4.53
C PRO B 138 14.31 18.59 -4.35
N THR B 139 15.22 19.18 -3.57
CA THR B 139 16.51 18.54 -3.33
C THR B 139 16.32 17.19 -2.63
N LEU B 140 15.39 17.13 -1.67
CA LEU B 140 15.19 15.89 -0.90
C LEU B 140 15.00 14.69 -1.82
N GLY B 141 14.28 14.87 -2.91
CA GLY B 141 14.19 13.81 -3.91
C GLY B 141 15.48 13.61 -4.66
N PHE B 142 16.31 14.66 -4.76
CA PHE B 142 17.51 14.58 -5.59
C PHE B 142 18.66 13.91 -4.86
N LEU B 143 19.06 14.43 -3.70
CA LEU B 143 20.22 13.85 -3.02
C LEU B 143 19.87 12.59 -2.25
N GLY B 144 18.59 12.29 -2.07
CA GLY B 144 18.20 11.06 -1.43
C GLY B 144 18.05 9.92 -2.42
N ALA B 145 17.93 10.26 -3.70
CA ALA B 145 17.78 9.24 -4.73
C ALA B 145 18.97 8.32 -4.85
N PRO B 146 20.22 8.80 -4.93
CA PRO B 146 21.35 7.86 -5.03
C PRO B 146 21.43 6.91 -3.85
N GLY B 147 21.14 7.38 -2.64
CA GLY B 147 21.21 6.52 -1.49
C GLY B 147 20.19 5.39 -1.52
N VAL B 148 18.93 5.72 -1.82
CA VAL B 148 17.87 4.72 -1.79
C VAL B 148 18.05 3.72 -2.93
N ALA B 149 18.53 4.18 -4.08
CA ALA B 149 18.69 3.31 -5.24
C ALA B 149 19.64 2.16 -4.93
N LEU B 150 20.73 2.43 -4.21
CA LEU B 150 21.65 1.38 -3.83
C LEU B 150 21.02 0.42 -2.81
N THR B 151 20.41 0.98 -1.76
CA THR B 151 19.90 0.13 -0.68
C THR B 151 18.79 -0.79 -1.16
N VAL B 152 17.81 -0.27 -1.89
CA VAL B 152 16.66 -1.09 -2.27
C VAL B 152 16.98 -2.06 -3.40
N GLY B 153 18.16 -1.97 -4.00
CA GLY B 153 18.45 -2.79 -5.17
C GLY B 153 19.76 -3.57 -5.08
N LEU B 154 20.57 -3.38 -4.05
CA LEU B 154 21.82 -4.12 -3.90
C LEU B 154 21.62 -5.24 -2.89
N LYS B 155 21.60 -6.47 -3.37
CA LYS B 155 21.52 -7.63 -2.49
C LYS B 155 22.81 -7.76 -1.69
N ARG B 156 22.68 -8.34 -0.49
CA ARG B 156 23.80 -8.52 0.43
C ARG B 156 24.49 -7.18 0.71
N GLY B 157 23.68 -6.19 1.08
CA GLY B 157 24.17 -4.86 1.39
C GLY B 157 24.19 -4.65 2.89
N GLY B 158 25.26 -4.00 3.36
CA GLY B 158 25.46 -3.74 4.77
C GLY B 158 24.74 -2.49 5.24
N VAL B 159 24.94 -2.19 6.52
CA VAL B 159 24.33 -1.00 7.12
C VAL B 159 24.90 0.27 6.51
N LEU B 160 26.14 0.22 6.02
CA LEU B 160 26.79 1.41 5.47
C LEU B 160 26.05 1.99 4.29
N LEU B 161 25.21 1.20 3.61
CA LEU B 161 24.43 1.72 2.49
C LEU B 161 23.40 2.74 2.93
N SER B 162 22.97 2.71 4.18
CA SER B 162 21.98 3.64 4.71
C SER B 162 22.61 4.96 5.16
N ILE B 163 23.93 5.10 5.07
CA ILE B 163 24.60 6.34 5.44
C ILE B 163 24.51 7.38 4.34
N LEU B 164 23.99 7.01 3.17
CA LEU B 164 23.89 7.93 2.04
C LEU B 164 22.46 8.43 1.82
N VAL B 165 21.56 8.22 2.78
CA VAL B 165 20.18 8.65 2.59
C VAL B 165 19.71 9.60 3.69
N LEU B 166 19.72 9.17 4.95
CA LEU B 166 19.30 10.07 6.03
C LEU B 166 20.39 11.03 6.49
N PRO B 167 21.62 10.58 6.80
CA PRO B 167 22.62 11.52 7.32
C PRO B 167 23.21 12.41 6.23
N LEU B 168 22.80 12.19 4.98
CA LEU B 168 23.23 13.03 3.87
C LEU B 168 22.39 14.28 3.73
N THR B 169 21.19 14.31 4.31
CA THR B 169 20.29 15.45 4.21
C THR B 169 20.35 16.38 5.41
N ILE B 170 21.27 16.14 6.35
CA ILE B 170 21.37 17.02 7.52
C ILE B 170 21.69 18.46 7.15
N PRO B 171 22.64 18.76 6.24
CA PRO B 171 22.87 20.17 5.91
C PRO B 171 21.64 20.88 5.37
N LEU B 172 20.84 20.21 4.57
CA LEU B 172 19.60 20.81 4.06
C LEU B 172 18.71 21.24 5.21
N LEU B 173 18.43 20.34 6.15
CA LEU B 173 17.57 20.66 7.27
C LEU B 173 18.18 21.76 8.13
N ILE B 174 19.49 21.71 8.34
CA ILE B 174 20.15 22.69 9.19
C ILE B 174 19.99 24.09 8.59
N PHE B 175 20.32 24.25 7.31
CA PHE B 175 20.21 25.56 6.68
C PHE B 175 18.75 26.01 6.60
N ALA B 176 17.83 25.09 6.30
CA ALA B 176 16.42 25.48 6.19
C ALA B 176 15.87 25.96 7.52
N THR B 177 16.14 25.22 8.60
CA THR B 177 15.66 25.64 9.92
C THR B 177 16.34 26.91 10.37
N ALA B 178 17.62 27.10 10.06
CA ALA B 178 18.28 28.35 10.41
C ALA B 178 17.63 29.52 9.69
N ALA B 179 17.32 29.34 8.39
CA ALA B 179 16.65 30.41 7.65
C ALA B 179 15.28 30.71 8.23
N MET B 180 14.53 29.68 8.60
CA MET B 180 13.20 29.91 9.13
C MET B 180 13.25 30.59 10.51
N ASP B 181 14.23 30.22 11.34
CA ASP B 181 14.40 30.91 12.61
C ASP B 181 14.79 32.37 12.41
N ALA B 182 15.66 32.64 11.44
CA ALA B 182 15.98 34.03 11.12
C ALA B 182 14.76 34.77 10.59
N ALA B 183 13.84 34.05 9.94
CA ALA B 183 12.59 34.67 9.51
C ALA B 183 11.70 35.01 10.69
N SER B 184 11.56 34.09 11.64
CA SER B 184 10.74 34.35 12.82
C SER B 184 11.33 35.49 13.66
N MET B 185 12.66 35.56 13.73
CA MET B 185 13.36 36.63 14.42
C MET B 185 13.34 37.93 13.64
N HIS B 186 12.77 37.94 12.44
CA HIS B 186 12.71 39.12 11.58
C HIS B 186 14.11 39.64 11.26
N LEU B 187 14.87 38.81 10.57
CA LEU B 187 16.22 39.08 10.12
C LEU B 187 16.32 38.79 8.63
N PRO B 188 17.29 39.38 7.94
CA PRO B 188 17.44 39.10 6.49
C PRO B 188 17.77 37.64 6.26
N VAL B 189 16.94 36.99 5.44
CA VAL B 189 17.04 35.55 5.18
C VAL B 189 17.79 35.26 3.89
N ASP B 190 17.98 36.26 3.02
CA ASP B 190 18.57 36.03 1.71
C ASP B 190 19.95 35.39 1.82
N GLY B 191 20.64 35.59 2.95
CA GLY B 191 21.91 34.92 3.15
C GLY B 191 21.78 33.41 3.14
N TYR B 192 20.68 32.90 3.70
CA TYR B 192 20.43 31.46 3.65
C TYR B 192 19.64 31.04 2.43
N LEU B 193 18.91 31.97 1.79
CA LEU B 193 18.17 31.63 0.59
C LEU B 193 19.10 31.46 -0.61
N ALA B 194 20.15 32.27 -0.68
CA ALA B 194 21.12 32.13 -1.77
C ALA B 194 21.85 30.80 -1.67
N ILE B 195 22.10 30.32 -0.44
CA ILE B 195 22.76 29.04 -0.27
C ILE B 195 21.86 27.91 -0.77
N LEU B 196 20.60 27.90 -0.35
CA LEU B 196 19.69 26.83 -0.75
C LEU B 196 19.40 26.85 -2.24
N GLY B 197 19.63 27.97 -2.92
CA GLY B 197 19.51 28.01 -4.36
C GLY B 197 20.68 27.29 -5.01
N ALA B 198 21.87 27.43 -4.43
CA ALA B 198 23.05 26.78 -4.97
C ALA B 198 22.95 25.26 -4.88
N LEU B 199 22.44 24.73 -3.76
CA LEU B 199 22.29 23.29 -3.64
C LEU B 199 21.30 22.73 -4.65
N LEU B 200 20.17 23.43 -4.87
CA LEU B 200 19.23 22.99 -5.88
C LEU B 200 19.87 22.97 -7.26
N ALA B 201 20.62 24.01 -7.61
CA ALA B 201 21.38 23.98 -8.85
C ALA B 201 22.51 22.97 -8.77
N GLY B 202 23.07 22.78 -7.58
CA GLY B 202 24.18 21.85 -7.41
C GLY B 202 23.80 20.39 -7.36
N THR B 203 22.55 20.08 -7.00
CA THR B 203 22.17 18.68 -6.94
C THR B 203 21.32 18.26 -8.13
N ALA B 204 20.48 19.15 -8.67
CA ALA B 204 19.71 18.81 -9.85
C ALA B 204 20.56 18.62 -11.08
N THR B 205 21.83 19.03 -11.03
CA THR B 205 22.75 18.86 -12.15
C THR B 205 23.52 17.54 -12.06
N LEU B 206 23.76 17.04 -10.84
CA LEU B 206 24.57 15.85 -10.66
C LEU B 206 23.81 14.65 -10.11
N SER B 207 22.73 14.86 -9.36
CA SER B 207 22.00 13.72 -8.79
C SER B 207 21.45 12.77 -9.84
N PRO B 208 20.81 13.23 -10.93
CA PRO B 208 20.38 12.27 -11.95
C PRO B 208 21.51 11.42 -12.50
N PHE B 209 22.68 12.01 -12.73
CA PHE B 209 23.82 11.23 -13.17
C PHE B 209 24.27 10.25 -12.08
N ALA B 210 24.32 10.70 -10.84
CA ALA B 210 24.73 9.83 -9.75
C ALA B 210 23.76 8.68 -9.57
N THR B 211 22.46 8.95 -9.64
CA THR B 211 21.48 7.89 -9.47
C THR B 211 21.48 6.93 -10.66
N ALA B 212 21.73 7.47 -11.87
CA ALA B 212 21.86 6.61 -13.03
C ALA B 212 23.05 5.66 -12.88
N ALA B 213 24.19 6.20 -12.43
CA ALA B 213 25.36 5.35 -12.20
C ALA B 213 25.09 4.32 -11.11
N ALA B 214 24.39 4.73 -10.05
CA ALA B 214 24.05 3.80 -8.98
C ALA B 214 23.18 2.66 -9.50
N LEU B 215 22.18 2.98 -10.32
CA LEU B 215 21.33 1.93 -10.89
C LEU B 215 22.12 1.03 -11.82
N ARG B 216 23.01 1.59 -12.64
CA ARG B 216 23.84 0.78 -13.50
C ARG B 216 24.70 -0.19 -12.71
N ILE B 217 25.29 0.29 -11.61
CA ILE B 217 26.15 -0.57 -10.79
C ILE B 217 25.32 -1.64 -10.08
N SER B 218 24.16 -1.26 -9.55
CA SER B 218 23.39 -2.18 -8.74
C SER B 218 22.69 -3.25 -9.55
N ILE B 219 22.18 -2.92 -10.75
CA ILE B 219 21.45 -3.90 -11.54
C ILE B 219 22.38 -5.03 -11.99
N GLN B 220 23.66 -4.73 -12.13
CA GLN B 220 24.64 -5.75 -12.52
C GLN B 220 24.86 -6.75 -11.40
N GLN C 7 -38.98 -9.31 7.69
CA GLN C 7 -38.23 -10.08 6.71
C GLN C 7 -37.24 -9.21 5.94
N LEU C 8 -36.04 -9.73 5.73
CA LEU C 8 -34.97 -9.03 5.03
C LEU C 8 -34.49 -9.88 3.86
N ALA C 9 -34.86 -9.48 2.64
CA ALA C 9 -34.36 -10.15 1.45
C ALA C 9 -33.10 -9.46 0.92
N ILE C 10 -33.16 -8.15 0.77
CA ILE C 10 -32.05 -7.31 0.29
C ILE C 10 -31.50 -7.80 -1.05
N PRO C 11 -32.30 -7.85 -2.11
CA PRO C 11 -31.74 -7.88 -3.46
C PRO C 11 -31.51 -6.45 -3.95
N PRO C 12 -31.11 -6.24 -5.21
CA PRO C 12 -31.05 -4.87 -5.72
C PRO C 12 -32.43 -4.29 -6.00
N ARG C 13 -33.48 -4.97 -5.52
CA ARG C 13 -34.74 -4.31 -5.24
C ARG C 13 -34.57 -3.18 -4.24
N LEU C 14 -33.53 -3.23 -3.41
CA LEU C 14 -33.23 -2.15 -2.48
C LEU C 14 -33.02 -0.83 -3.22
N TYR C 15 -32.62 -0.88 -4.49
CA TYR C 15 -32.55 0.35 -5.29
C TYR C 15 -33.92 1.01 -5.38
N GLN C 16 -34.95 0.21 -5.67
CA GLN C 16 -36.31 0.77 -5.75
C GLN C 16 -36.79 1.28 -4.41
N ILE C 17 -36.49 0.57 -3.32
CA ILE C 17 -36.91 1.01 -1.99
C ILE C 17 -36.23 2.33 -1.65
N CYS C 18 -34.92 2.43 -1.92
CA CYS C 18 -34.21 3.68 -1.66
C CYS C 18 -34.77 4.83 -2.48
N GLY C 19 -35.03 4.59 -3.77
CA GLY C 19 -35.63 5.62 -4.60
C GLY C 19 -37.04 5.98 -4.16
N TRP C 20 -37.69 5.08 -3.42
CA TRP C 20 -39.04 5.35 -2.93
C TRP C 20 -39.04 6.39 -1.83
N PHE C 21 -38.02 6.36 -0.96
CA PHE C 21 -37.99 7.22 0.22
C PHE C 21 -37.34 8.58 -0.03
N ILE C 22 -36.48 8.70 -1.05
CA ILE C 22 -35.73 9.94 -1.24
C ILE C 22 -36.62 11.16 -1.38
N PRO C 23 -37.68 11.16 -2.20
CA PRO C 23 -38.44 12.42 -2.38
C PRO C 23 -39.12 12.91 -1.10
N TRP C 24 -39.89 12.06 -0.44
CA TRP C 24 -40.58 12.47 0.78
C TRP C 24 -39.58 12.85 1.88
N LEU C 25 -38.51 12.07 2.00
CA LEU C 25 -37.49 12.38 3.00
C LEU C 25 -36.85 13.73 2.73
N ALA C 26 -36.54 14.02 1.47
CA ALA C 26 -35.93 15.29 1.13
C ALA C 26 -36.87 16.45 1.40
N ILE C 27 -38.14 16.32 1.03
CA ILE C 27 -39.11 17.38 1.28
C ILE C 27 -39.24 17.64 2.78
N ALA C 28 -39.38 16.56 3.57
CA ALA C 28 -39.51 16.71 5.01
C ALA C 28 -38.26 17.35 5.61
N SER C 29 -37.07 16.93 5.16
CA SER C 29 -35.85 17.49 5.69
C SER C 29 -35.72 18.97 5.37
N VAL C 30 -36.04 19.36 4.13
CA VAL C 30 -35.95 20.77 3.76
C VAL C 30 -36.94 21.60 4.58
N VAL C 31 -38.17 21.12 4.73
CA VAL C 31 -39.16 21.86 5.50
C VAL C 31 -38.72 22.00 6.95
N VAL C 32 -38.25 20.91 7.56
CA VAL C 32 -37.85 20.97 8.96
C VAL C 32 -36.65 21.90 9.14
N LEU C 33 -35.67 21.80 8.27
CA LEU C 33 -34.49 22.67 8.39
C LEU C 33 -34.87 24.14 8.22
N THR C 34 -35.72 24.44 7.25
CA THR C 34 -36.14 25.83 7.06
C THR C 34 -36.90 26.35 8.28
N VAL C 35 -37.80 25.53 8.83
CA VAL C 35 -38.53 25.97 10.02
C VAL C 35 -37.58 26.18 11.19
N GLY C 36 -36.61 25.29 11.36
CA GLY C 36 -35.70 25.40 12.48
C GLY C 36 -34.70 26.54 12.34
N TRP C 37 -34.42 26.95 11.10
CA TRP C 37 -33.49 28.05 10.87
C TRP C 37 -34.19 29.40 10.72
N ILE C 38 -35.51 29.41 10.57
CA ILE C 38 -36.25 30.67 10.63
C ILE C 38 -36.69 30.90 12.08
N TRP C 39 -36.88 29.82 12.83
CA TRP C 39 -37.12 29.97 14.26
C TRP C 39 -35.90 30.58 14.94
N GLY C 40 -34.71 30.05 14.64
CA GLY C 40 -33.48 30.74 14.92
C GLY C 40 -33.24 31.80 13.86
N PHE C 41 -32.09 32.46 13.97
CA PHE C 41 -31.63 33.42 12.97
C PHE C 41 -32.69 34.50 12.70
N GLY C 42 -33.28 35.02 13.77
CA GLY C 42 -34.28 36.06 13.60
C GLY C 42 -35.48 36.03 14.52
N PHE C 43 -35.81 34.86 15.08
CA PHE C 43 -36.98 34.76 15.96
C PHE C 43 -36.63 34.28 17.36
N ALA C 44 -35.56 33.52 17.52
CA ALA C 44 -35.15 33.09 18.86
C ALA C 44 -34.49 34.25 19.59
N PRO C 45 -34.55 34.27 20.93
CA PRO C 45 -33.88 35.34 21.68
C PRO C 45 -32.36 35.31 21.51
N ALA C 46 -31.68 36.30 22.09
CA ALA C 46 -30.23 36.41 21.99
C ALA C 46 -29.59 36.19 23.36
N ASP C 47 -28.42 35.56 23.35
CA ASP C 47 -27.68 35.33 24.58
C ASP C 47 -27.05 36.63 25.08
N TYR C 48 -26.95 36.75 26.40
CA TYR C 48 -26.53 38.03 26.98
C TYR C 48 -25.02 38.24 26.85
N GLN C 49 -24.22 37.20 27.03
CA GLN C 49 -22.78 37.39 27.01
C GLN C 49 -22.25 37.68 25.61
N GLN C 50 -22.38 36.74 24.69
CA GLN C 50 -21.82 36.86 23.36
C GLN C 50 -22.85 37.22 22.30
N GLY C 51 -24.04 37.66 22.71
CA GLY C 51 -24.96 38.31 21.78
C GLY C 51 -25.40 37.43 20.64
N ASN C 52 -25.41 38.00 19.43
CA ASN C 52 -25.89 37.32 18.24
C ASN C 52 -24.92 36.28 17.71
N SER C 53 -23.70 36.20 18.25
CA SER C 53 -22.80 35.12 17.88
C SER C 53 -23.23 33.77 18.45
N TYR C 54 -24.15 33.78 19.41
CA TYR C 54 -24.65 32.53 20.00
C TYR C 54 -25.65 31.82 19.12
N ARG C 55 -26.12 32.46 18.05
CA ARG C 55 -27.04 31.82 17.11
C ARG C 55 -26.35 30.76 16.26
N ILE C 56 -25.03 30.63 16.34
CA ILE C 56 -24.33 29.59 15.60
C ILE C 56 -24.58 28.21 16.18
N ILE C 57 -25.25 28.14 17.35
CA ILE C 57 -25.56 26.85 17.95
C ILE C 57 -26.37 25.99 16.98
N TYR C 58 -27.34 26.59 16.29
CA TYR C 58 -28.16 25.83 15.36
C TYR C 58 -27.38 25.32 14.15
N LEU C 59 -26.18 25.85 13.91
CA LEU C 59 -25.34 25.38 12.82
C LEU C 59 -24.21 24.47 13.27
N HIS C 60 -23.80 24.54 14.54
CA HIS C 60 -22.67 23.77 15.03
C HIS C 60 -23.08 22.57 15.87
N VAL C 61 -24.06 22.75 16.76
CA VAL C 61 -24.51 21.64 17.60
C VAL C 61 -25.08 20.49 16.77
N PRO C 62 -25.99 20.71 15.82
CA PRO C 62 -26.45 19.56 15.01
C PRO C 62 -25.33 18.88 14.24
N ALA C 63 -24.41 19.66 13.67
CA ALA C 63 -23.30 19.07 12.93
C ALA C 63 -22.39 18.26 13.85
N ALA C 64 -22.08 18.80 15.04
CA ALA C 64 -21.23 18.08 15.97
C ALA C 64 -21.89 16.80 16.45
N ILE C 65 -23.19 16.85 16.75
CA ILE C 65 -23.90 15.67 17.23
C ILE C 65 -23.95 14.60 16.13
N TRP C 66 -24.30 14.99 14.91
CA TRP C 66 -24.46 13.99 13.88
C TRP C 66 -23.14 13.54 13.27
N SER C 67 -22.04 14.24 13.54
CA SER C 67 -20.74 13.71 13.20
C SER C 67 -20.46 12.42 13.96
N MET C 68 -20.82 12.39 15.25
CA MET C 68 -20.71 11.16 16.03
C MET C 68 -21.82 10.18 15.70
N GLY C 69 -23.03 10.69 15.43
CA GLY C 69 -24.15 9.81 15.12
C GLY C 69 -23.94 9.01 13.85
N ILE C 70 -23.44 9.66 12.80
CA ILE C 70 -23.21 8.97 11.53
C ILE C 70 -22.09 7.94 11.68
N TYR C 71 -21.08 8.26 12.48
CA TYR C 71 -20.00 7.30 12.67
C TYR C 71 -20.48 6.10 13.48
N ALA C 72 -21.36 6.34 14.45
CA ALA C 72 -21.97 5.22 15.18
C ALA C 72 -22.81 4.35 14.26
N SER C 73 -23.58 4.98 13.37
CA SER C 73 -24.35 4.21 12.39
C SER C 73 -23.43 3.42 11.46
N MET C 74 -22.30 4.02 11.08
CA MET C 74 -21.32 3.32 10.26
C MET C 74 -20.75 2.12 10.99
N ALA C 75 -20.46 2.28 12.28
CA ALA C 75 -19.96 1.17 13.08
C ALA C 75 -20.99 0.05 13.17
N VAL C 76 -22.26 0.41 13.35
CA VAL C 76 -23.31 -0.61 13.39
C VAL C 76 -23.41 -1.33 12.06
N ALA C 77 -23.35 -0.58 10.96
CA ALA C 77 -23.42 -1.19 9.64
C ALA C 77 -22.24 -2.12 9.38
N ALA C 78 -21.04 -1.70 9.79
CA ALA C 78 -19.87 -2.55 9.62
C ALA C 78 -19.98 -3.81 10.46
N PHE C 79 -20.48 -3.68 11.69
CA PHE C 79 -20.68 -4.85 12.53
C PHE C 79 -21.67 -5.82 11.90
N ILE C 80 -22.78 -5.30 11.37
CA ILE C 80 -23.77 -6.16 10.72
C ILE C 80 -23.16 -6.84 9.50
N GLY C 81 -22.39 -6.09 8.71
CA GLY C 81 -21.79 -6.65 7.51
C GLY C 81 -20.60 -7.56 7.75
N LEU C 82 -20.08 -7.59 8.98
CA LEU C 82 -18.96 -8.47 9.30
C LEU C 82 -19.42 -9.82 9.82
N VAL C 83 -20.26 -9.81 10.87
CA VAL C 83 -20.66 -11.07 11.50
C VAL C 83 -21.53 -11.89 10.55
N TRP C 84 -22.40 -11.25 9.79
CA TRP C 84 -23.31 -11.95 8.90
C TRP C 84 -22.88 -11.90 7.45
N GLN C 85 -21.74 -11.27 7.14
CA GLN C 85 -21.17 -11.28 5.79
C GLN C 85 -22.18 -10.80 4.74
N MET C 86 -22.72 -9.61 4.97
CA MET C 86 -23.72 -9.02 4.10
C MET C 86 -23.07 -7.99 3.18
N LYS C 87 -23.34 -8.10 1.87
CA LYS C 87 -22.76 -7.17 0.90
C LYS C 87 -23.23 -5.75 1.12
N MET C 88 -24.55 -5.52 1.09
CA MET C 88 -25.07 -4.17 1.16
C MET C 88 -24.78 -3.50 2.49
N ALA C 89 -24.71 -4.28 3.58
CA ALA C 89 -24.37 -3.72 4.88
C ALA C 89 -22.95 -3.15 4.89
N ASN C 90 -22.09 -3.58 3.97
CA ASN C 90 -20.76 -3.00 3.84
C ASN C 90 -20.74 -1.77 2.94
N LEU C 91 -21.66 -1.68 1.97
CA LEU C 91 -21.83 -0.46 1.20
C LEU C 91 -22.40 0.68 2.04
N ALA C 92 -23.06 0.36 3.15
CA ALA C 92 -23.60 1.41 4.01
C ALA C 92 -22.49 2.25 4.62
N VAL C 93 -21.32 1.66 4.87
CA VAL C 93 -20.20 2.42 5.41
C VAL C 93 -19.73 3.47 4.41
N ALA C 94 -19.52 3.05 3.16
CA ALA C 94 -19.07 3.99 2.13
C ALA C 94 -20.17 4.96 1.75
N ALA C 95 -21.42 4.63 2.04
CA ALA C 95 -22.51 5.55 1.75
C ALA C 95 -22.56 6.70 2.75
N MET C 96 -22.19 6.45 4.01
CA MET C 96 -22.27 7.47 5.04
C MET C 96 -20.93 8.11 5.38
N ALA C 97 -19.82 7.54 4.90
CA ALA C 97 -18.52 8.12 5.23
C ALA C 97 -18.34 9.55 4.73
N PRO C 98 -18.60 9.88 3.46
CA PRO C 98 -18.44 11.28 3.03
C PRO C 98 -19.36 12.25 3.76
N ILE C 99 -20.58 11.82 4.09
CA ILE C 99 -21.50 12.69 4.80
C ILE C 99 -21.00 12.96 6.21
N GLY C 100 -20.48 11.93 6.88
CA GLY C 100 -19.88 12.13 8.19
C GLY C 100 -18.67 13.04 8.13
N ALA C 101 -17.85 12.88 7.10
CA ALA C 101 -16.70 13.77 6.93
C ALA C 101 -17.14 15.21 6.72
N VAL C 102 -18.19 15.41 5.92
CA VAL C 102 -18.69 16.76 5.66
C VAL C 102 -19.26 17.38 6.94
N PHE C 103 -19.98 16.59 7.73
CA PHE C 103 -20.49 17.11 9.00
C PHE C 103 -19.36 17.45 9.96
N THR C 104 -18.31 16.62 10.01
CA THR C 104 -17.17 16.96 10.86
C THR C 104 -16.51 18.26 10.40
N PHE C 105 -16.36 18.43 9.08
CA PHE C 105 -15.77 19.66 8.56
C PHE C 105 -16.64 20.87 8.88
N ILE C 106 -17.96 20.71 8.76
CA ILE C 106 -18.87 21.81 9.07
C ILE C 106 -18.80 22.17 10.55
N ALA C 107 -18.74 21.15 11.41
CA ALA C 107 -18.59 21.41 12.84
C ALA C 107 -17.29 22.13 13.14
N LEU C 108 -16.19 21.72 12.50
CA LEU C 108 -14.91 22.38 12.71
C LEU C 108 -14.96 23.83 12.27
N VAL C 109 -15.57 24.09 11.11
CA VAL C 109 -15.61 25.46 10.60
C VAL C 109 -16.49 26.34 11.46
N THR C 110 -17.69 25.87 11.82
CA THR C 110 -18.60 26.69 12.61
C THR C 110 -18.11 26.85 14.04
N GLY C 111 -17.33 25.89 14.55
CA GLY C 111 -16.73 26.05 15.86
C GLY C 111 -15.66 27.11 15.90
N SER C 112 -14.79 27.16 14.88
CA SER C 112 -13.71 28.14 14.87
C SER C 112 -14.24 29.55 14.66
N ALA C 113 -15.15 29.72 13.69
CA ALA C 113 -15.77 31.03 13.48
C ALA C 113 -16.63 31.47 14.65
N TRP C 114 -17.04 30.55 15.52
CA TRP C 114 -17.75 30.88 16.75
C TRP C 114 -16.81 31.40 17.82
N GLY C 115 -15.60 30.83 17.91
CA GLY C 115 -14.64 31.26 18.90
C GLY C 115 -13.79 32.45 18.51
N LYS C 116 -13.81 32.83 17.24
CA LYS C 116 -13.02 33.99 16.81
C LYS C 116 -13.37 35.27 17.55
N PRO C 117 -14.65 35.62 17.79
CA PRO C 117 -14.93 36.84 18.57
C PRO C 117 -14.32 36.82 19.96
N MET C 118 -14.23 35.65 20.60
CA MET C 118 -13.74 35.59 21.98
C MET C 118 -12.24 35.29 22.02
N TRP C 119 -11.83 34.18 21.40
CA TRP C 119 -10.43 33.80 21.43
C TRP C 119 -9.55 34.81 20.71
N GLY C 120 -10.02 35.34 19.60
CA GLY C 120 -9.27 36.31 18.82
C GLY C 120 -8.49 35.73 17.67
N THR C 121 -8.36 34.40 17.60
CA THR C 121 -7.68 33.75 16.49
C THR C 121 -8.54 32.59 16.01
N TRP C 122 -8.27 32.16 14.77
CA TRP C 122 -9.12 31.19 14.10
C TRP C 122 -8.90 29.76 14.55
N TRP C 123 -7.89 29.49 15.38
CA TRP C 123 -7.67 28.11 15.84
C TRP C 123 -7.00 28.15 17.21
N VAL C 124 -7.81 27.91 18.24
CA VAL C 124 -7.31 27.64 19.59
C VAL C 124 -7.57 26.16 19.87
N TRP C 125 -6.53 25.45 20.30
CA TRP C 125 -6.64 24.01 20.44
C TRP C 125 -7.53 23.68 21.64
N ASP C 126 -8.83 23.50 21.37
CA ASP C 126 -9.81 23.26 22.42
C ASP C 126 -10.30 21.82 22.36
N ALA C 127 -10.95 21.35 23.42
CA ALA C 127 -11.49 20.00 23.46
C ALA C 127 -12.56 19.78 22.40
N ARG C 128 -13.44 20.75 22.20
CA ARG C 128 -14.51 20.60 21.22
C ARG C 128 -13.96 20.54 19.80
N LEU C 129 -13.02 21.43 19.48
CA LEU C 129 -12.52 21.52 18.11
C LEU C 129 -11.43 20.50 17.79
N THR C 130 -10.85 19.79 18.75
CA THR C 130 -9.89 18.73 18.46
C THR C 130 -10.52 17.35 18.51
N SER C 131 -11.48 17.12 19.42
CA SER C 131 -12.24 15.88 19.37
C SER C 131 -13.00 15.73 18.07
N GLU C 132 -13.31 16.83 17.38
CA GLU C 132 -13.94 16.80 16.07
C GLU C 132 -12.91 16.80 14.95
N LEU C 133 -11.62 16.92 15.28
CA LEU C 133 -10.56 16.81 14.30
C LEU C 133 -10.02 15.40 14.17
N VAL C 134 -9.87 14.69 15.28
CA VAL C 134 -9.51 13.28 15.20
C VAL C 134 -10.63 12.48 14.55
N LEU C 135 -11.89 12.88 14.77
CA LEU C 135 -13.00 12.22 14.09
C LEU C 135 -12.94 12.45 12.59
N LEU C 136 -12.60 13.68 12.18
CA LEU C 136 -12.39 13.95 10.77
C LEU C 136 -11.26 13.11 10.20
N PHE C 137 -10.18 12.94 10.98
CA PHE C 137 -9.08 12.09 10.54
C PHE C 137 -9.54 10.65 10.35
N LEU C 138 -10.35 10.14 11.27
CA LEU C 138 -10.88 8.78 11.12
C LEU C 138 -11.75 8.66 9.87
N TYR C 139 -12.62 9.64 9.64
CA TYR C 139 -13.46 9.63 8.45
C TYR C 139 -12.60 9.65 7.18
N VAL C 140 -11.57 10.50 7.17
CA VAL C 140 -10.69 10.58 6.01
C VAL C 140 -9.96 9.27 5.78
N GLY C 141 -9.50 8.63 6.85
CA GLY C 141 -8.86 7.33 6.71
C GLY C 141 -9.79 6.31 6.10
N VAL C 142 -11.04 6.26 6.58
CA VAL C 142 -12.01 5.30 6.02
C VAL C 142 -12.26 5.58 4.55
N ILE C 143 -12.47 6.85 4.21
CA ILE C 143 -12.76 7.22 2.82
C ILE C 143 -11.58 6.88 1.92
N ALA C 144 -10.37 7.19 2.36
CA ALA C 144 -9.19 6.90 1.55
C ALA C 144 -9.00 5.41 1.38
N LEU C 145 -9.25 4.61 2.43
CA LEU C 145 -9.13 3.17 2.29
C LEU C 145 -10.15 2.62 1.30
N TRP C 146 -11.39 3.14 1.34
CA TRP C 146 -12.40 2.63 0.42
C TRP C 146 -12.08 2.98 -1.03
N HIS C 147 -11.35 4.07 -1.25
CA HIS C 147 -11.03 4.53 -2.60
C HIS C 147 -9.68 4.05 -3.09
N ALA C 148 -9.05 3.12 -2.39
CA ALA C 148 -7.73 2.62 -2.79
C ALA C 148 -7.75 1.17 -3.24
N PHE C 149 -8.85 0.45 -3.06
CA PHE C 149 -8.97 -0.92 -3.55
C PHE C 149 -9.49 -0.90 -4.98
N ASP C 150 -8.73 -1.50 -5.90
CA ASP C 150 -9.21 -1.67 -7.27
C ASP C 150 -10.41 -2.62 -7.31
N ASP C 151 -10.36 -3.69 -6.53
CA ASP C 151 -11.43 -4.69 -6.51
C ASP C 151 -12.43 -4.36 -5.41
N ARG C 152 -13.67 -4.12 -5.79
CA ARG C 152 -14.72 -3.92 -4.80
C ARG C 152 -15.07 -5.25 -4.12
N ARG C 153 -15.94 -5.16 -3.11
CA ARG C 153 -16.30 -6.26 -2.23
C ARG C 153 -15.11 -6.63 -1.34
N LEU C 154 -13.97 -6.02 -1.60
CA LEU C 154 -12.85 -6.02 -0.66
C LEU C 154 -12.75 -4.71 0.09
N ALA C 155 -12.97 -3.59 -0.60
CA ALA C 155 -13.22 -2.31 0.04
C ALA C 155 -14.67 -2.31 0.51
N GLY C 156 -14.86 -2.30 1.82
CA GLY C 156 -16.18 -2.50 2.40
C GLY C 156 -16.09 -3.55 3.48
N ARG C 157 -15.26 -4.56 3.24
CA ARG C 157 -14.86 -5.46 4.31
C ARG C 157 -13.63 -4.92 5.04
N ALA C 158 -12.64 -4.45 4.27
CA ALA C 158 -11.53 -3.73 4.86
C ALA C 158 -12.01 -2.42 5.49
N ALA C 159 -12.91 -1.72 4.81
CA ALA C 159 -13.48 -0.50 5.39
C ALA C 159 -14.26 -0.82 6.67
N GLY C 160 -15.00 -1.92 6.68
CA GLY C 160 -15.70 -2.31 7.89
C GLY C 160 -14.76 -2.62 9.04
N ILE C 161 -13.66 -3.33 8.74
CA ILE C 161 -12.66 -3.62 9.77
C ILE C 161 -12.06 -2.33 10.30
N LEU C 162 -11.74 -1.39 9.42
CA LEU C 162 -11.19 -0.11 9.86
C LEU C 162 -12.18 0.65 10.73
N VAL C 163 -13.46 0.64 10.34
CA VAL C 163 -14.47 1.37 11.11
C VAL C 163 -14.62 0.75 12.49
N LEU C 164 -14.62 -0.59 12.57
CA LEU C 164 -14.70 -1.24 13.88
C LEU C 164 -13.49 -0.90 14.74
N ILE C 165 -12.29 -0.94 14.15
CA ILE C 165 -11.09 -0.61 14.89
C ILE C 165 -11.16 0.82 15.42
N GLY C 166 -11.61 1.75 14.59
CA GLY C 166 -11.75 3.13 15.02
C GLY C 166 -12.80 3.35 16.09
N VAL C 167 -13.94 2.65 16.00
CA VAL C 167 -15.00 2.87 16.98
C VAL C 167 -14.64 2.21 18.30
N VAL C 168 -13.78 1.20 18.28
CA VAL C 168 -13.22 0.71 19.54
C VAL C 168 -12.36 1.79 20.19
N ASN C 169 -11.57 2.51 19.39
CA ASN C 169 -10.66 3.52 19.92
C ASN C 169 -11.32 4.89 20.10
N LEU C 170 -12.53 5.09 19.59
CA LEU C 170 -13.13 6.42 19.65
C LEU C 170 -13.38 6.92 21.06
N PRO C 171 -14.02 6.17 21.98
CA PRO C 171 -14.19 6.70 23.33
C PRO C 171 -12.86 6.97 24.04
N ILE C 172 -11.85 6.13 23.78
CA ILE C 172 -10.54 6.33 24.40
C ILE C 172 -9.93 7.66 23.94
N ILE C 173 -10.00 7.92 22.64
CA ILE C 173 -9.41 9.16 22.11
C ILE C 173 -10.16 10.37 22.65
N HIS C 174 -11.50 10.30 22.68
CA HIS C 174 -12.28 11.43 23.17
C HIS C 174 -12.00 11.71 24.64
N TYR C 175 -11.92 10.66 25.45
CA TYR C 175 -11.66 10.85 26.87
C TYR C 175 -10.24 11.35 27.10
N SER C 176 -9.28 10.87 26.31
CA SER C 176 -7.91 11.36 26.43
C SER C 176 -7.83 12.84 26.09
N VAL C 177 -8.50 13.26 25.01
CA VAL C 177 -8.51 14.67 24.64
C VAL C 177 -9.20 15.50 25.70
N GLU C 178 -10.33 15.01 26.23
CA GLU C 178 -11.03 15.75 27.28
C GLU C 178 -10.19 15.85 28.55
N TRP C 179 -9.28 14.90 28.77
CA TRP C 179 -8.34 15.02 29.88
C TRP C 179 -7.09 15.80 29.51
N TRP C 180 -6.66 15.72 28.25
CA TRP C 180 -5.49 16.48 27.81
C TRP C 180 -5.71 17.98 27.93
N ASN C 181 -6.92 18.44 27.61
CA ASN C 181 -7.26 19.84 27.78
C ASN C 181 -7.18 20.28 29.24
N THR C 182 -7.67 19.46 30.16
CA THR C 182 -7.61 19.76 31.58
C THR C 182 -6.18 19.83 32.10
N LEU C 183 -5.26 19.07 31.52
CA LEU C 183 -3.88 19.01 31.99
C LEU C 183 -3.06 20.26 31.69
N HIS C 184 -3.25 20.87 30.52
CA HIS C 184 -2.40 21.99 30.12
C HIS C 184 -3.01 23.32 30.52
N GLN C 185 -4.21 23.61 30.02
CA GLN C 185 -4.86 24.88 30.31
C GLN C 185 -5.43 24.93 31.72
N GLY C 186 -5.44 23.81 32.44
CA GLY C 186 -6.15 23.70 33.68
C GLY C 186 -7.63 23.41 33.53
N SER C 187 -8.27 24.00 32.52
CA SER C 187 -9.68 23.76 32.20
C SER C 187 -10.02 24.50 30.91
N THR C 188 -11.22 24.28 30.38
CA THR C 188 -11.72 25.09 29.28
C THR C 188 -12.35 26.36 29.83
N ARG C 189 -13.03 27.13 28.98
CA ARG C 189 -13.64 28.37 29.44
C ARG C 189 -14.76 28.11 30.43
N MET C 190 -15.83 27.47 29.96
CA MET C 190 -17.00 27.19 30.78
C MET C 190 -17.96 26.29 30.00
N GLN C 191 -18.80 25.57 30.75
CA GLN C 191 -19.78 24.67 30.15
C GLN C 191 -20.91 25.50 29.55
N GLN C 192 -21.08 25.40 28.24
CA GLN C 192 -22.08 26.20 27.55
C GLN C 192 -23.49 25.86 28.02
N SER C 193 -24.27 26.89 28.33
CA SER C 193 -25.62 26.70 28.84
C SER C 193 -26.64 26.88 27.72
N ILE C 194 -27.86 26.41 27.97
CA ILE C 194 -28.95 26.47 27.00
C ILE C 194 -30.08 27.29 27.62
N ASP C 195 -30.89 27.93 26.79
CA ASP C 195 -31.98 28.76 27.27
C ASP C 195 -33.32 28.15 26.86
N PRO C 196 -34.31 28.11 27.76
CA PRO C 196 -35.58 27.45 27.43
C PRO C 196 -36.23 27.99 26.16
N ALA C 197 -36.17 29.30 25.94
CA ALA C 197 -36.75 29.88 24.74
C ALA C 197 -35.92 29.58 23.49
N MET C 198 -34.69 29.08 23.66
CA MET C 198 -33.83 28.73 22.54
C MET C 198 -33.50 27.26 22.50
N ARG C 199 -34.33 26.41 23.10
CA ARG C 199 -34.12 24.96 23.11
C ARG C 199 -34.87 24.24 22.02
N SER C 200 -36.13 24.60 21.78
CA SER C 200 -36.90 23.97 20.71
C SER C 200 -36.29 24.16 19.33
N PRO C 201 -35.86 25.36 18.92
CA PRO C 201 -35.22 25.48 17.59
C PRO C 201 -34.00 24.61 17.44
N LEU C 202 -33.21 24.41 18.50
CA LEU C 202 -32.07 23.51 18.40
C LEU C 202 -32.52 22.07 18.18
N ARG C 203 -33.58 21.64 18.86
CA ARG C 203 -34.14 20.31 18.62
C ARG C 203 -34.57 20.15 17.18
N TRP C 204 -35.29 21.14 16.65
CA TRP C 204 -35.78 21.05 15.29
C TRP C 204 -34.65 21.06 14.27
N SER C 205 -33.61 21.86 14.48
CA SER C 205 -32.44 21.84 13.61
C SER C 205 -31.70 20.50 13.66
N ILE C 206 -31.58 19.90 14.85
CA ILE C 206 -30.94 18.58 14.95
C ILE C 206 -31.74 17.55 14.18
N PHE C 207 -33.06 17.57 14.33
CA PHE C 207 -33.92 16.64 13.61
C PHE C 207 -33.82 16.85 12.10
N GLY C 208 -33.76 18.11 11.67
CA GLY C 208 -33.58 18.40 10.27
C GLY C 208 -32.28 17.87 9.72
N PHE C 209 -31.19 18.03 10.49
CA PHE C 209 -29.91 17.47 10.06
C PHE C 209 -29.98 15.95 9.99
N LEU C 210 -30.70 15.33 10.92
CA LEU C 210 -30.88 13.88 10.86
C LEU C 210 -31.55 13.46 9.55
N LEU C 211 -32.65 14.14 9.20
CA LEU C 211 -33.37 13.78 7.98
C LEU C 211 -32.52 14.08 6.75
N LEU C 212 -31.74 15.17 6.78
CA LEU C 212 -30.86 15.50 5.67
C LEU C 212 -29.80 14.42 5.47
N SER C 213 -29.19 13.95 6.57
CA SER C 213 -28.21 12.89 6.47
C SER C 213 -28.84 11.60 5.95
N ALA C 214 -30.08 11.32 6.38
CA ALA C 214 -30.76 10.13 5.87
C ALA C 214 -30.99 10.22 4.37
N THR C 215 -31.45 11.37 3.87
CA THR C 215 -31.65 11.53 2.44
C THR C 215 -30.34 11.42 1.67
N LEU C 216 -29.29 12.05 2.18
CA LEU C 216 -27.99 12.01 1.51
C LEU C 216 -27.46 10.58 1.44
N THR C 217 -27.60 9.83 2.53
CA THR C 217 -27.09 8.47 2.52
C THR C 217 -27.94 7.56 1.66
N LEU C 218 -29.24 7.83 1.53
CA LEU C 218 -30.06 7.07 0.60
C LEU C 218 -29.60 7.29 -0.84
N MET C 219 -29.36 8.55 -1.21
CA MET C 219 -28.89 8.83 -2.56
C MET C 219 -27.53 8.21 -2.82
N ARG C 220 -26.62 8.34 -1.85
CA ARG C 220 -25.29 7.75 -2.01
C ARG C 220 -25.36 6.23 -2.08
N MET C 221 -26.29 5.62 -1.34
CA MET C 221 -26.45 4.17 -1.41
C MET C 221 -26.97 3.74 -2.78
N ARG C 222 -27.88 4.52 -3.36
CA ARG C 222 -28.31 4.21 -4.72
C ARG C 222 -27.15 4.28 -5.70
N ASN C 223 -26.33 5.34 -5.57
CA ASN C 223 -25.17 5.47 -6.46
C ASN C 223 -24.21 4.29 -6.28
N LEU C 224 -23.97 3.88 -5.05
CA LEU C 224 -23.03 2.79 -4.81
C LEU C 224 -23.59 1.46 -5.29
N ILE C 225 -24.91 1.25 -5.15
CA ILE C 225 -25.52 0.03 -5.66
C ILE C 225 -25.36 -0.06 -7.17
N LEU C 226 -25.59 1.06 -7.86
CA LEU C 226 -25.39 1.06 -9.31
C LEU C 226 -23.93 0.82 -9.67
N LEU C 227 -23.01 1.45 -8.93
CA LEU C 227 -21.59 1.22 -9.18
C LEU C 227 -21.21 -0.24 -8.99
N MET C 228 -21.79 -0.89 -7.99
CA MET C 228 -21.51 -2.31 -7.77
C MET C 228 -22.06 -3.15 -8.90
N GLU C 229 -23.37 -3.11 -9.11
CA GLU C 229 -23.98 -3.93 -10.17
C GLU C 229 -24.12 -3.15 -11.48
N LYS C 230 -23.04 -2.51 -11.92
CA LYS C 230 -23.02 -1.88 -13.23
C LYS C 230 -23.02 -2.88 -14.38
N ARG C 231 -22.94 -4.19 -14.10
CA ARG C 231 -22.87 -5.19 -15.15
C ARG C 231 -24.06 -6.14 -15.20
N ARG C 232 -24.88 -6.19 -14.15
CA ARG C 232 -25.98 -7.15 -14.12
C ARG C 232 -27.05 -6.80 -15.14
N PRO C 233 -27.76 -7.81 -15.66
CA PRO C 233 -28.86 -7.53 -16.60
C PRO C 233 -30.03 -6.81 -15.97
N TRP C 234 -30.09 -6.74 -14.64
CA TRP C 234 -31.17 -6.03 -13.96
C TRP C 234 -30.99 -4.52 -14.03
N VAL C 235 -29.93 -4.05 -14.69
CA VAL C 235 -29.69 -2.63 -14.89
C VAL C 235 -29.93 -2.38 -16.38
N SER C 236 -30.79 -3.20 -16.98
CA SER C 236 -31.14 -3.03 -18.38
C SER C 236 -31.84 -1.71 -18.65
N GLU C 237 -32.36 -1.05 -17.62
CA GLU C 237 -33.01 0.25 -17.76
C GLU C 237 -32.07 1.29 -18.35
N MET D 1 -44.00 36.51 13.38
CA MET D 1 -44.81 37.65 13.79
C MET D 1 -43.99 38.68 14.56
N THR D 2 -43.27 38.22 15.58
CA THR D 2 -42.44 39.08 16.43
C THR D 2 -40.98 38.68 16.23
N PRO D 3 -40.23 39.43 15.43
CA PRO D 3 -38.82 39.10 15.21
C PRO D 3 -37.95 39.61 16.34
N ALA D 4 -36.82 38.94 16.52
CA ALA D 4 -35.79 39.41 17.44
C ALA D 4 -35.00 40.59 16.86
N PHE D 5 -35.15 40.87 15.58
CA PHE D 5 -34.53 42.01 14.92
C PHE D 5 -35.61 42.99 14.47
N ALA D 6 -35.41 44.26 14.78
CA ALA D 6 -36.47 45.25 14.62
C ALA D 6 -36.87 45.44 13.15
N SER D 7 -35.90 45.38 12.24
CA SER D 7 -36.12 45.83 10.87
C SER D 7 -35.43 44.88 9.90
N TRP D 8 -35.27 45.33 8.66
CA TRP D 8 -34.68 44.57 7.57
C TRP D 8 -33.18 44.48 7.70
N ASN D 9 -32.50 44.12 6.60
CA ASN D 9 -31.05 43.95 6.58
C ASN D 9 -30.31 45.20 7.06
N GLU D 10 -31.05 46.29 7.30
CA GLU D 10 -30.47 47.40 8.07
C GLU D 10 -30.18 46.96 9.50
N PHE D 11 -31.09 46.19 10.11
CA PHE D 11 -30.90 45.62 11.44
C PHE D 11 -30.53 44.16 11.40
N PHE D 12 -31.26 43.35 10.63
CA PHE D 12 -30.84 41.98 10.39
C PHE D 12 -29.64 41.99 9.45
N ALA D 13 -29.06 40.80 9.23
CA ALA D 13 -27.91 40.60 8.35
C ALA D 13 -26.64 41.22 8.93
N MET D 14 -26.76 41.90 10.07
CA MET D 14 -25.60 42.27 10.87
C MET D 14 -26.08 42.55 12.30
N GLY D 15 -25.65 41.73 13.25
CA GLY D 15 -25.93 41.92 14.66
C GLY D 15 -24.73 42.35 15.48
N GLY D 16 -23.73 42.96 14.86
CA GLY D 16 -22.45 43.18 15.47
C GLY D 16 -21.43 42.10 15.18
N TYR D 17 -21.90 40.94 14.73
CA TYR D 17 -21.06 39.80 14.37
C TYR D 17 -21.41 39.31 12.96
N ALA D 18 -21.52 40.25 12.02
CA ALA D 18 -21.99 39.91 10.68
C ALA D 18 -21.03 38.97 9.97
N PHE D 19 -19.73 39.27 10.03
CA PHE D 19 -18.76 38.46 9.29
C PHE D 19 -18.68 37.05 9.84
N PHE D 20 -18.84 36.89 11.16
CA PHE D 20 -18.64 35.58 11.76
C PHE D 20 -19.88 34.71 11.65
N VAL D 21 -21.07 35.29 11.86
CA VAL D 21 -22.30 34.51 11.74
C VAL D 21 -22.55 34.12 10.30
N TRP D 22 -22.39 35.06 9.37
CA TRP D 22 -22.66 34.77 7.96
C TRP D 22 -21.55 34.00 7.28
N LEU D 23 -20.36 33.90 7.89
CA LEU D 23 -19.37 32.97 7.38
C LEU D 23 -19.80 31.53 7.65
N ALA D 24 -20.34 31.28 8.84
CA ALA D 24 -20.83 29.94 9.16
C ALA D 24 -21.96 29.52 8.23
N VAL D 25 -22.91 30.43 7.99
CA VAL D 25 -24.05 30.10 7.14
C VAL D 25 -23.59 29.78 5.72
N VAL D 26 -22.74 30.63 5.15
CA VAL D 26 -22.27 30.43 3.79
C VAL D 26 -21.45 29.15 3.68
N MET D 27 -20.54 28.94 4.62
CA MET D 27 -19.63 27.81 4.53
C MET D 27 -20.20 26.53 5.13
N THR D 28 -21.45 26.54 5.59
CA THR D 28 -22.19 25.30 5.79
C THR D 28 -23.17 25.03 4.66
N VAL D 29 -23.72 26.06 4.03
CA VAL D 29 -24.58 25.87 2.87
C VAL D 29 -23.77 25.34 1.69
N ILE D 30 -22.56 25.86 1.50
CA ILE D 30 -21.74 25.44 0.35
C ILE D 30 -21.43 23.94 0.37
N PRO D 31 -20.91 23.36 1.46
CA PRO D 31 -20.62 21.92 1.41
C PRO D 31 -21.85 21.05 1.24
N LEU D 32 -22.97 21.42 1.85
CA LEU D 32 -24.18 20.62 1.72
C LEU D 32 -24.72 20.65 0.29
N VAL D 33 -24.77 21.84 -0.30
CA VAL D 33 -25.21 21.95 -1.69
C VAL D 33 -24.25 21.23 -2.61
N VAL D 34 -22.95 21.28 -2.30
CA VAL D 34 -21.97 20.55 -3.10
C VAL D 34 -22.23 19.05 -3.00
N LEU D 35 -22.54 18.55 -1.81
CA LEU D 35 -22.86 17.13 -1.66
C LEU D 35 -24.08 16.75 -2.48
N VAL D 36 -25.14 17.56 -2.40
CA VAL D 36 -26.37 17.23 -3.11
C VAL D 36 -26.14 17.22 -4.61
N VAL D 37 -25.47 18.26 -5.12
CA VAL D 37 -25.22 18.34 -6.56
C VAL D 37 -24.29 17.22 -7.00
N HIS D 38 -23.29 16.89 -6.19
CA HIS D 38 -22.40 15.80 -6.53
C HIS D 38 -23.13 14.47 -6.59
N SER D 39 -24.03 14.22 -5.64
CA SER D 39 -24.80 12.98 -5.67
C SER D 39 -25.69 12.90 -6.90
N VAL D 40 -26.38 14.00 -7.22
CA VAL D 40 -27.27 13.99 -8.39
C VAL D 40 -26.46 13.78 -9.68
N MET D 41 -25.37 14.52 -9.83
CA MET D 41 -24.55 14.39 -11.04
C MET D 41 -23.90 13.02 -11.12
N GLN D 42 -23.48 12.46 -9.99
CA GLN D 42 -22.91 11.11 -9.99
C GLN D 42 -23.93 10.08 -10.44
N HIS D 43 -25.16 10.18 -9.93
CA HIS D 43 -26.19 9.23 -10.34
C HIS D 43 -26.48 9.35 -11.83
N ARG D 44 -26.62 10.58 -12.33
CA ARG D 44 -26.93 10.75 -13.75
C ARG D 44 -25.76 10.29 -14.62
N ALA D 45 -24.53 10.56 -14.20
CA ALA D 45 -23.37 10.15 -14.99
C ALA D 45 -23.20 8.64 -14.98
N ILE D 46 -23.53 7.99 -13.87
CA ILE D 46 -23.52 6.53 -13.82
C ILE D 46 -24.57 5.98 -14.79
N LEU D 47 -25.76 6.59 -14.81
CA LEU D 47 -26.77 6.14 -15.76
C LEU D 47 -26.37 6.34 -17.21
N ARG D 48 -25.72 7.47 -17.54
CA ARG D 48 -25.21 7.64 -18.89
C ARG D 48 -24.06 6.69 -19.19
N GLY D 49 -23.31 6.30 -18.16
CA GLY D 49 -22.24 5.34 -18.36
C GLY D 49 -22.72 3.92 -18.63
N VAL D 50 -23.95 3.60 -18.21
CA VAL D 50 -24.50 2.28 -18.50
C VAL D 50 -24.76 2.12 -19.99
N ALA D 51 -25.41 3.11 -20.60
CA ALA D 51 -25.78 3.02 -22.01
C ALA D 51 -24.58 3.12 -22.95
N GLN D 52 -23.51 3.83 -22.55
CA GLN D 52 -22.33 3.97 -23.39
C GLN D 52 -21.61 2.65 -23.60
N GLN D 53 -21.56 1.79 -22.57
CA GLN D 53 -20.95 0.49 -22.73
C GLN D 53 -21.80 -0.46 -23.57
N ARG D 54 -23.04 -0.08 -23.89
CA ARG D 54 -23.85 -0.81 -24.86
C ARG D 54 -23.56 -0.32 -26.28
N ALA D 55 -22.28 -0.35 -26.64
CA ALA D 55 -21.82 0.10 -27.94
C ALA D 55 -20.45 -0.47 -28.26
N MET E 1 -14.58 -42.99 3.21
CA MET E 1 -14.70 -42.49 1.85
C MET E 1 -14.95 -41.00 1.83
N GLY E 2 -14.46 -40.33 0.78
CA GLY E 2 -14.66 -38.90 0.66
C GLY E 2 -13.68 -38.09 1.48
N MET E 3 -12.38 -38.33 1.26
CA MET E 3 -11.36 -37.61 2.03
C MET E 3 -11.48 -36.11 1.81
N LEU E 4 -11.66 -35.69 0.57
CA LEU E 4 -11.95 -34.30 0.23
C LEU E 4 -13.13 -34.26 -0.73
N GLU E 5 -13.98 -33.25 -0.56
CA GLU E 5 -15.22 -33.19 -1.32
C GLU E 5 -15.57 -31.73 -1.59
N ALA E 6 -16.11 -31.47 -2.77
CA ALA E 6 -16.64 -30.17 -3.14
C ALA E 6 -18.15 -30.29 -3.26
N ARG E 7 -18.87 -29.33 -2.68
CA ARG E 7 -20.33 -29.36 -2.63
C ARG E 7 -20.89 -28.11 -3.29
N GLU E 8 -21.14 -28.19 -4.60
CA GLU E 8 -21.80 -27.15 -5.38
C GLU E 8 -21.10 -25.80 -5.21
N LEU E 9 -19.84 -25.77 -5.64
CA LEU E 9 -19.04 -24.55 -5.55
C LEU E 9 -19.45 -23.58 -6.64
N LEU E 10 -19.66 -22.32 -6.26
CA LEU E 10 -20.00 -21.25 -7.17
C LEU E 10 -19.00 -20.12 -6.99
N CYS E 11 -18.46 -19.60 -8.09
CA CYS E 11 -17.56 -18.46 -8.06
C CYS E 11 -17.76 -17.64 -9.32
N GLU E 12 -18.31 -16.44 -9.16
CA GLU E 12 -18.57 -15.53 -10.27
C GLU E 12 -17.79 -14.25 -10.01
N ARG E 13 -16.96 -13.85 -10.97
CA ARG E 13 -16.15 -12.63 -10.85
C ARG E 13 -16.61 -11.64 -11.92
N ASP E 14 -17.31 -10.60 -11.49
CA ASP E 14 -17.79 -9.49 -12.32
C ASP E 14 -18.67 -10.08 -13.42
N GLU E 15 -18.41 -9.82 -14.71
CA GLU E 15 -19.33 -10.24 -15.76
C GLU E 15 -19.20 -11.71 -16.11
N ARG E 16 -18.16 -12.40 -15.63
CA ARG E 16 -17.88 -13.77 -16.00
C ARG E 16 -18.13 -14.69 -14.81
N THR E 17 -18.72 -15.85 -15.08
CA THR E 17 -18.83 -16.92 -14.09
C THR E 17 -17.75 -17.95 -14.39
N LEU E 18 -16.90 -18.23 -13.41
CA LEU E 18 -15.79 -19.15 -13.63
C LEU E 18 -16.28 -20.58 -13.74
N PHE E 19 -17.14 -21.00 -12.82
CA PHE E 19 -17.69 -22.36 -12.84
C PHE E 19 -18.99 -22.36 -12.04
N SER E 20 -19.76 -23.43 -12.22
CA SER E 20 -21.05 -23.56 -11.55
C SER E 20 -21.36 -25.02 -11.31
N GLY E 21 -21.91 -25.33 -10.14
CA GLY E 21 -22.33 -26.69 -9.83
C GLY E 21 -21.22 -27.71 -9.82
N LEU E 22 -20.06 -27.35 -9.28
CA LEU E 22 -18.95 -28.29 -9.18
C LEU E 22 -19.15 -29.17 -7.96
N SER E 23 -19.07 -30.48 -8.15
CA SER E 23 -19.23 -31.45 -7.07
C SER E 23 -18.40 -32.68 -7.40
N PHE E 24 -17.21 -32.77 -6.80
CA PHE E 24 -16.32 -33.89 -7.03
C PHE E 24 -15.80 -34.41 -5.71
N THR E 25 -15.68 -35.73 -5.60
CA THR E 25 -15.12 -36.38 -4.42
C THR E 25 -13.77 -36.98 -4.79
N LEU E 26 -12.81 -36.88 -3.87
CA LEU E 26 -11.46 -37.37 -4.08
C LEU E 26 -11.10 -38.29 -2.93
N ASN E 27 -11.05 -39.59 -3.19
CA ASN E 27 -10.66 -40.57 -2.19
C ASN E 27 -9.13 -40.69 -2.17
N ALA E 28 -8.64 -41.70 -1.45
CA ALA E 28 -7.20 -41.93 -1.39
C ALA E 28 -6.70 -42.44 -2.73
N GLY E 29 -5.49 -42.03 -3.09
CA GLY E 29 -4.83 -42.51 -4.28
C GLY E 29 -5.26 -41.88 -5.60
N GLU E 30 -5.94 -40.74 -5.57
CA GLU E 30 -6.42 -40.09 -6.79
C GLU E 30 -5.40 -39.07 -7.27
N TRP E 31 -5.12 -39.10 -8.58
CA TRP E 31 -4.25 -38.12 -9.21
C TRP E 31 -5.12 -37.26 -10.12
N VAL E 32 -5.55 -36.12 -9.58
CA VAL E 32 -6.53 -35.27 -10.24
C VAL E 32 -5.82 -34.07 -10.86
N GLN E 33 -6.18 -33.76 -12.10
CA GLN E 33 -5.64 -32.61 -12.81
C GLN E 33 -6.78 -31.68 -13.23
N ILE E 34 -6.59 -30.39 -13.01
CA ILE E 34 -7.56 -29.38 -13.41
C ILE E 34 -7.20 -28.91 -14.82
N THR E 35 -8.20 -28.88 -15.70
CA THR E 35 -8.00 -28.50 -17.09
C THR E 35 -8.69 -27.18 -17.39
N GLY E 36 -8.02 -26.35 -18.19
CA GLY E 36 -8.57 -25.07 -18.57
C GLY E 36 -7.53 -24.23 -19.27
N SER E 37 -8.00 -23.10 -19.80
CA SER E 37 -7.14 -22.14 -20.46
C SER E 37 -6.67 -21.10 -19.44
N ASN E 38 -6.09 -20.01 -19.92
CA ASN E 38 -5.60 -18.96 -19.04
C ASN E 38 -6.71 -18.04 -18.53
N GLY E 39 -7.97 -18.42 -18.72
CA GLY E 39 -9.07 -17.59 -18.26
C GLY E 39 -9.98 -18.31 -17.29
N ALA E 40 -9.97 -19.64 -17.33
CA ALA E 40 -10.80 -20.42 -16.43
C ALA E 40 -10.31 -20.29 -14.99
N GLY E 41 -11.20 -20.58 -14.05
CA GLY E 41 -10.86 -20.46 -12.64
C GLY E 41 -10.18 -21.70 -12.07
N LYS E 42 -8.93 -21.94 -12.46
CA LYS E 42 -8.17 -23.06 -11.91
C LYS E 42 -7.54 -22.69 -10.57
N THR E 43 -6.76 -21.61 -10.55
CA THR E 43 -6.19 -21.13 -9.29
C THR E 43 -7.28 -20.73 -8.31
N THR E 44 -8.38 -20.16 -8.82
CA THR E 44 -9.49 -19.82 -7.93
C THR E 44 -10.09 -21.06 -7.30
N LEU E 45 -10.27 -22.13 -8.08
CA LEU E 45 -10.79 -23.38 -7.52
C LEU E 45 -9.83 -23.96 -6.50
N LEU E 46 -8.54 -23.96 -6.79
CA LEU E 46 -7.58 -24.51 -5.84
C LEU E 46 -7.53 -23.70 -4.55
N ARG E 47 -7.62 -22.37 -4.65
CA ARG E 47 -7.66 -21.56 -3.45
C ARG E 47 -8.96 -21.70 -2.67
N LEU E 48 -10.07 -21.99 -3.36
CA LEU E 48 -11.29 -22.36 -2.64
C LEU E 48 -11.11 -23.69 -1.91
N LEU E 49 -10.41 -24.63 -2.55
CA LEU E 49 -10.17 -25.93 -1.92
C LEU E 49 -9.28 -25.80 -0.69
N THR E 50 -8.25 -24.95 -0.77
CA THR E 50 -7.31 -24.82 0.35
C THR E 50 -7.92 -24.08 1.53
N GLY E 51 -9.04 -23.40 1.35
CA GLY E 51 -9.65 -22.62 2.40
C GLY E 51 -9.16 -21.19 2.51
N LEU E 52 -8.19 -20.78 1.68
CA LEU E 52 -7.71 -19.41 1.72
C LEU E 52 -8.80 -18.42 1.32
N SER E 53 -9.66 -18.81 0.37
CA SER E 53 -10.75 -17.97 -0.07
C SER E 53 -12.08 -18.69 0.16
N ARG E 54 -13.10 -17.93 0.54
CA ARG E 54 -14.40 -18.53 0.81
C ARG E 54 -15.26 -18.52 -0.45
N PRO E 55 -15.90 -19.64 -0.77
CA PRO E 55 -16.77 -19.67 -1.95
C PRO E 55 -17.98 -18.77 -1.77
N ASP E 56 -18.47 -18.23 -2.89
CA ASP E 56 -19.69 -17.44 -2.85
C ASP E 56 -20.88 -18.31 -2.48
N ALA E 57 -20.97 -19.51 -3.07
CA ALA E 57 -22.01 -20.47 -2.73
C ALA E 57 -21.38 -21.85 -2.63
N GLY E 58 -22.00 -22.72 -1.85
CA GLY E 58 -21.47 -24.04 -1.60
C GLY E 58 -20.31 -24.02 -0.62
N GLU E 59 -19.80 -25.20 -0.30
CA GLU E 59 -18.75 -25.33 0.68
C GLU E 59 -17.88 -26.53 0.34
N VAL E 60 -16.67 -26.54 0.91
CA VAL E 60 -15.72 -27.64 0.76
C VAL E 60 -15.67 -28.40 2.07
N LEU E 61 -15.58 -29.73 1.99
CA LEU E 61 -15.61 -30.59 3.16
C LEU E 61 -14.34 -31.44 3.21
N TRP E 62 -13.68 -31.44 4.36
CA TRP E 62 -12.54 -32.31 4.60
C TRP E 62 -12.97 -33.42 5.55
N GLN E 63 -13.03 -34.65 5.04
CA GLN E 63 -13.33 -35.87 5.77
C GLN E 63 -14.78 -35.94 6.24
N GLY E 64 -15.58 -34.91 6.01
CA GLY E 64 -16.97 -34.93 6.42
C GLY E 64 -17.40 -33.69 7.18
N GLN E 65 -16.51 -32.72 7.29
CA GLN E 65 -16.78 -31.49 8.02
C GLN E 65 -16.22 -30.31 7.25
N PRO E 66 -16.80 -29.12 7.42
CA PRO E 66 -16.34 -27.94 6.67
C PRO E 66 -14.92 -27.56 7.06
N LEU E 67 -14.30 -26.75 6.19
CA LEU E 67 -12.92 -26.36 6.37
C LEU E 67 -12.70 -25.40 7.53
N HIS E 68 -13.72 -24.62 7.92
CA HIS E 68 -13.57 -23.73 9.06
C HIS E 68 -13.75 -24.42 10.40
N GLN E 69 -14.33 -25.62 10.41
CA GLN E 69 -14.47 -26.37 11.65
C GLN E 69 -13.25 -27.23 11.95
N VAL E 70 -12.55 -27.69 10.92
CA VAL E 70 -11.41 -28.58 11.09
C VAL E 70 -10.14 -27.88 10.61
N ARG E 71 -10.11 -26.56 10.67
CA ARG E 71 -8.98 -25.78 10.17
C ARG E 71 -7.69 -26.03 11.00
N ASP E 72 -7.71 -26.85 12.04
CA ASP E 72 -6.50 -27.24 12.74
C ASP E 72 -6.05 -28.65 12.42
N SER E 73 -6.98 -29.53 12.08
CA SER E 73 -6.64 -30.87 11.60
C SER E 73 -6.53 -30.95 10.09
N TYR E 74 -6.86 -29.87 9.38
CA TYR E 74 -6.75 -29.89 7.92
C TYR E 74 -5.37 -29.47 7.47
N HIS E 75 -4.84 -28.37 8.01
CA HIS E 75 -3.52 -27.91 7.59
C HIS E 75 -2.41 -28.85 8.04
N GLN E 76 -2.72 -29.81 8.90
CA GLN E 76 -1.76 -30.87 9.17
C GLN E 76 -1.52 -31.72 7.94
N ASN E 77 -2.57 -31.99 7.16
CA ASN E 77 -2.49 -32.76 5.92
C ASN E 77 -2.84 -31.83 4.77
N LEU E 78 -1.85 -31.11 4.25
CA LEU E 78 -2.07 -30.19 3.15
C LEU E 78 -0.71 -29.71 2.62
N LEU E 79 -0.63 -29.50 1.31
CA LEU E 79 0.59 -29.00 0.69
C LEU E 79 0.24 -28.12 -0.50
N TRP E 80 0.44 -26.81 -0.33
CA TRP E 80 0.23 -25.79 -1.36
C TRP E 80 1.55 -25.17 -1.78
N ILE E 81 1.80 -25.20 -3.09
CA ILE E 81 2.84 -24.40 -3.74
C ILE E 81 2.16 -23.71 -4.91
N GLY E 82 1.82 -22.43 -4.73
CA GLY E 82 1.07 -21.70 -5.72
C GLY E 82 1.93 -21.16 -6.84
N HIS E 83 1.36 -20.21 -7.58
CA HIS E 83 2.15 -19.54 -8.62
C HIS E 83 3.36 -18.83 -8.02
N GLN E 84 3.16 -18.14 -6.90
CA GLN E 84 4.28 -17.60 -6.14
C GLN E 84 4.90 -18.71 -5.29
N PRO E 85 6.22 -18.86 -5.31
CA PRO E 85 6.83 -20.01 -4.63
C PRO E 85 6.56 -20.05 -3.13
N GLY E 86 6.44 -18.91 -2.47
CA GLY E 86 6.21 -18.89 -1.05
C GLY E 86 7.45 -19.06 -0.20
N ILE E 87 8.61 -18.61 -0.69
CA ILE E 87 9.87 -18.74 0.02
C ILE E 87 10.51 -17.36 0.16
N LYS E 88 11.14 -17.13 1.31
CA LYS E 88 11.80 -15.86 1.57
C LYS E 88 13.02 -15.72 0.66
N THR E 89 13.10 -14.59 -0.04
CA THR E 89 14.13 -14.41 -1.05
C THR E 89 15.51 -14.18 -0.47
N ARG E 90 15.61 -13.49 0.66
CA ARG E 90 16.91 -13.08 1.18
C ARG E 90 17.60 -14.16 2.01
N LEU E 91 16.89 -15.20 2.40
CA LEU E 91 17.50 -16.30 3.14
C LEU E 91 18.17 -17.26 2.19
N THR E 92 19.10 -18.06 2.72
CA THR E 92 19.70 -19.09 1.89
C THR E 92 18.72 -20.24 1.69
N ALA E 93 19.08 -21.16 0.80
CA ALA E 93 18.17 -22.24 0.44
C ALA E 93 17.87 -23.14 1.63
N LEU E 94 18.82 -23.28 2.55
CA LEU E 94 18.65 -24.25 3.63
C LEU E 94 17.61 -23.81 4.66
N GLU E 95 17.73 -22.62 5.22
CA GLU E 95 16.81 -22.24 6.29
C GLU E 95 15.42 -21.88 5.76
N ASN E 96 15.30 -21.57 4.47
CA ASN E 96 13.98 -21.46 3.86
C ASN E 96 13.27 -22.82 3.89
N LEU E 97 13.99 -23.89 3.58
CA LEU E 97 13.42 -25.23 3.67
C LEU E 97 13.50 -25.79 5.08
N HIS E 98 14.42 -25.29 5.91
CA HIS E 98 14.48 -25.69 7.30
C HIS E 98 13.24 -25.26 8.07
N PHE E 99 12.59 -24.19 7.61
CA PHE E 99 11.39 -23.70 8.28
C PHE E 99 10.25 -24.70 8.20
N TYR E 100 10.12 -25.38 7.06
CA TYR E 100 8.97 -26.22 6.78
C TYR E 100 9.10 -27.64 7.30
N HIS E 101 10.19 -27.97 7.98
CA HIS E 101 10.42 -29.33 8.46
C HIS E 101 10.17 -29.40 9.97
N ARG E 102 9.45 -30.44 10.39
CA ARG E 102 9.07 -30.55 11.79
C ARG E 102 10.22 -31.03 12.66
N ASP E 103 10.69 -32.26 12.41
CA ASP E 103 11.69 -32.88 13.27
C ASP E 103 12.70 -33.61 12.42
N GLY E 104 13.87 -33.89 13.02
CA GLY E 104 14.96 -34.51 12.29
C GLY E 104 15.64 -33.60 11.31
N ASP E 105 15.40 -32.29 11.39
CA ASP E 105 15.83 -31.36 10.36
C ASP E 105 17.36 -31.17 10.39
N THR E 106 17.84 -30.52 9.33
CA THR E 106 19.28 -30.32 9.07
C THR E 106 20.01 -31.66 9.06
N ALA E 107 19.24 -32.72 8.79
CA ALA E 107 19.80 -34.01 8.42
C ALA E 107 18.98 -34.55 7.25
N GLN E 108 17.74 -34.08 7.14
CA GLN E 108 16.85 -34.44 6.04
C GLN E 108 16.64 -33.32 5.05
N CYS E 109 16.72 -32.06 5.50
CA CYS E 109 16.62 -30.94 4.59
C CYS E 109 17.77 -30.92 3.60
N LEU E 110 18.95 -31.37 4.01
CA LEU E 110 20.07 -31.49 3.08
C LEU E 110 19.81 -32.57 2.04
N GLU E 111 19.18 -33.68 2.45
CA GLU E 111 18.93 -34.77 1.52
C GLU E 111 17.84 -34.40 0.52
N ALA E 112 16.82 -33.66 0.98
CA ALA E 112 15.75 -33.26 0.08
C ALA E 112 16.26 -32.33 -1.02
N LEU E 113 17.11 -31.36 -0.65
CA LEU E 113 17.66 -30.46 -1.65
C LEU E 113 18.57 -31.20 -2.62
N ALA E 114 19.22 -32.28 -2.16
CA ALA E 114 19.99 -33.12 -3.08
C ALA E 114 19.07 -33.79 -4.11
N GLN E 115 17.91 -34.26 -3.68
CA GLN E 115 16.98 -34.90 -4.61
C GLN E 115 16.35 -33.89 -5.57
N ALA E 116 16.09 -32.67 -5.09
CA ALA E 116 15.47 -31.67 -5.95
C ALA E 116 16.40 -31.25 -7.08
N GLY E 117 17.70 -31.27 -6.85
CA GLY E 117 18.66 -30.90 -7.87
C GLY E 117 19.44 -29.65 -7.54
N LEU E 118 19.55 -29.35 -6.24
CA LEU E 118 20.25 -28.17 -5.76
C LEU E 118 21.44 -28.57 -4.90
N ALA E 119 22.14 -29.63 -5.29
CA ALA E 119 23.31 -30.10 -4.56
C ALA E 119 24.42 -29.07 -4.71
N GLY E 120 24.82 -28.44 -3.60
CA GLY E 120 25.83 -27.42 -3.59
C GLY E 120 25.30 -26.01 -3.47
N PHE E 121 23.99 -25.81 -3.59
CA PHE E 121 23.37 -24.49 -3.46
C PHE E 121 22.55 -24.38 -2.19
N GLU E 122 22.80 -25.24 -1.20
CA GLU E 122 22.06 -25.18 0.06
C GLU E 122 22.33 -23.92 0.86
N ASP E 123 23.49 -23.29 0.66
CA ASP E 123 23.90 -22.13 1.46
C ASP E 123 24.11 -20.89 0.62
N ILE E 124 23.35 -20.74 -0.46
CA ILE E 124 23.38 -19.57 -1.33
C ILE E 124 22.06 -18.84 -1.17
N PRO E 125 22.05 -17.51 -1.00
CA PRO E 125 20.78 -16.80 -0.88
C PRO E 125 19.89 -17.03 -2.08
N VAL E 126 18.59 -17.17 -1.81
CA VAL E 126 17.63 -17.52 -2.85
C VAL E 126 17.61 -16.45 -3.94
N ASN E 127 17.70 -15.18 -3.56
CA ASN E 127 17.69 -14.11 -4.55
C ASN E 127 18.91 -14.15 -5.46
N GLN E 128 19.95 -14.91 -5.11
CA GLN E 128 21.10 -15.12 -5.99
C GLN E 128 21.00 -16.43 -6.77
N LEU E 129 19.87 -17.12 -6.70
CA LEU E 129 19.63 -18.32 -7.47
C LEU E 129 18.90 -17.98 -8.77
N SER E 130 18.94 -18.93 -9.70
CA SER E 130 18.29 -18.72 -10.98
C SER E 130 16.77 -18.74 -10.82
N ALA E 131 16.07 -18.37 -11.90
CA ALA E 131 14.62 -18.30 -11.85
C ALA E 131 13.97 -19.68 -11.78
N GLY E 132 14.66 -20.72 -12.22
CA GLY E 132 14.13 -22.07 -12.14
C GLY E 132 14.57 -22.77 -10.87
N GLN E 133 15.80 -22.48 -10.42
CA GLN E 133 16.28 -23.04 -9.16
C GLN E 133 15.55 -22.44 -7.96
N GLN E 134 14.93 -21.26 -8.13
CA GLN E 134 14.10 -20.72 -7.07
C GLN E 134 12.83 -21.54 -6.90
N ARG E 135 12.29 -22.07 -8.00
CA ARG E 135 11.13 -22.96 -7.90
C ARG E 135 11.50 -24.28 -7.24
N ARG E 136 12.70 -24.80 -7.52
CA ARG E 136 13.13 -26.06 -6.93
C ARG E 136 13.27 -25.96 -5.41
N VAL E 137 13.54 -24.78 -4.87
CA VAL E 137 13.58 -24.62 -3.41
C VAL E 137 12.22 -24.89 -2.81
N ALA E 138 11.17 -24.32 -3.40
CA ALA E 138 9.81 -24.58 -2.91
C ALA E 138 9.40 -26.01 -3.19
N LEU E 139 9.78 -26.57 -4.35
CA LEU E 139 9.40 -27.93 -4.70
C LEU E 139 10.19 -28.98 -3.94
N ALA E 140 11.22 -28.58 -3.20
CA ALA E 140 11.96 -29.54 -2.38
C ALA E 140 11.12 -30.08 -1.24
N ARG E 141 10.03 -29.38 -0.87
CA ARG E 141 9.17 -29.83 0.21
C ARG E 141 8.47 -31.14 -0.13
N LEU E 142 8.38 -31.50 -1.40
CA LEU E 142 7.76 -32.76 -1.79
C LEU E 142 8.49 -33.96 -1.24
N TRP E 143 9.77 -33.81 -0.89
CA TRP E 143 10.59 -34.90 -0.38
C TRP E 143 10.67 -34.93 1.14
N LEU E 144 10.03 -33.97 1.82
CA LEU E 144 10.03 -33.92 3.28
C LEU E 144 8.65 -34.10 3.89
N THR E 145 7.64 -33.42 3.37
CA THR E 145 6.35 -33.37 4.04
C THR E 145 5.71 -34.75 4.12
N ARG E 146 5.08 -35.02 5.26
CA ARG E 146 4.28 -36.21 5.45
C ARG E 146 2.81 -35.95 5.18
N ALA E 147 2.47 -34.79 4.63
CA ALA E 147 1.09 -34.47 4.33
C ALA E 147 0.52 -35.43 3.31
N THR E 148 -0.78 -35.70 3.44
CA THR E 148 -1.50 -36.63 2.58
C THR E 148 -2.06 -35.96 1.34
N LEU E 149 -2.25 -34.64 1.37
CA LEU E 149 -2.90 -33.92 0.28
C LEU E 149 -1.93 -32.89 -0.29
N TRP E 150 -1.55 -33.07 -1.56
CA TRP E 150 -0.72 -32.09 -2.27
C TRP E 150 -1.60 -31.35 -3.26
N ILE E 151 -1.59 -30.03 -3.19
CA ILE E 151 -2.32 -29.23 -4.16
C ILE E 151 -1.33 -28.28 -4.81
N LEU E 152 -0.89 -28.63 -6.02
CA LEU E 152 0.17 -27.89 -6.69
C LEU E 152 -0.39 -27.01 -7.80
N ASP E 153 0.12 -25.80 -7.91
CA ASP E 153 -0.30 -24.83 -8.92
C ASP E 153 0.86 -24.58 -9.87
N GLU E 154 0.84 -25.28 -11.02
CA GLU E 154 1.90 -25.21 -12.03
C GLU E 154 3.28 -25.41 -11.41
N PRO E 155 3.61 -26.62 -10.95
CA PRO E 155 4.95 -26.87 -10.42
C PRO E 155 6.02 -26.91 -11.49
N PHE E 156 5.66 -26.98 -12.76
CA PHE E 156 6.62 -27.03 -13.86
C PHE E 156 6.77 -25.66 -14.52
N THR E 157 6.72 -24.60 -13.72
CA THR E 157 6.75 -23.24 -14.26
C THR E 157 8.04 -22.97 -15.02
N ALA E 158 9.18 -23.23 -14.39
CA ALA E 158 10.48 -23.00 -15.02
C ALA E 158 11.43 -24.14 -14.68
N ILE E 159 10.96 -25.38 -14.78
CA ILE E 159 11.72 -26.55 -14.39
C ILE E 159 12.27 -27.22 -15.64
N ASP E 160 13.55 -27.62 -15.58
CA ASP E 160 14.21 -28.31 -16.67
C ASP E 160 13.46 -29.59 -17.04
N VAL E 161 13.75 -30.09 -18.24
CA VAL E 161 13.13 -31.34 -18.70
C VAL E 161 13.56 -32.49 -17.81
N ASN E 162 14.81 -32.48 -17.33
CA ASN E 162 15.23 -33.46 -16.36
C ASN E 162 14.44 -33.31 -15.06
N GLY E 163 14.26 -32.06 -14.61
CA GLY E 163 13.56 -31.83 -13.35
C GLY E 163 12.12 -32.26 -13.38
N VAL E 164 11.40 -31.95 -14.45
CA VAL E 164 9.98 -32.29 -14.53
C VAL E 164 9.79 -33.80 -14.48
N ASP E 165 10.76 -34.55 -15.01
CA ASP E 165 10.71 -36.01 -14.91
C ASP E 165 10.73 -36.45 -13.45
N ARG E 166 11.64 -35.86 -12.65
CA ARG E 166 11.77 -36.25 -11.25
C ARG E 166 10.52 -35.90 -10.44
N LEU E 167 9.93 -34.72 -10.67
CA LEU E 167 8.67 -34.41 -10.01
C LEU E 167 7.57 -35.37 -10.44
N THR E 168 7.50 -35.70 -11.72
CA THR E 168 6.48 -36.63 -12.20
C THR E 168 6.64 -37.99 -11.55
N GLN E 169 7.88 -38.43 -11.35
CA GLN E 169 8.11 -39.70 -10.66
C GLN E 169 7.86 -39.58 -9.16
N ARG E 170 8.04 -38.38 -8.61
CA ARG E 170 7.80 -38.20 -7.18
C ARG E 170 6.31 -38.30 -6.87
N MET E 171 5.49 -37.49 -7.52
CA MET E 171 4.04 -37.56 -7.30
C MET E 171 3.41 -38.62 -8.20
N ALA E 172 4.02 -39.81 -8.21
CA ALA E 172 3.46 -40.98 -8.86
C ALA E 172 3.62 -42.16 -7.91
N GLN E 173 4.62 -42.07 -7.03
CA GLN E 173 4.78 -43.02 -5.96
C GLN E 173 4.12 -42.56 -4.67
N HIS E 174 3.89 -41.25 -4.52
CA HIS E 174 3.14 -40.74 -3.38
C HIS E 174 1.69 -41.22 -3.41
N THR E 175 1.15 -41.45 -4.60
CA THR E 175 -0.26 -41.79 -4.72
C THR E 175 -0.60 -43.15 -4.13
N GLU E 176 0.12 -44.21 -4.48
CA GLU E 176 -0.23 -45.52 -3.95
C GLU E 176 0.10 -45.67 -2.47
N GLN E 177 0.87 -44.74 -1.90
CA GLN E 177 1.00 -44.70 -0.44
C GLN E 177 -0.33 -44.34 0.21
N GLY E 178 -1.20 -43.64 -0.50
CA GLY E 178 -2.48 -43.23 0.04
C GLY E 178 -2.66 -41.73 0.01
N GLY E 179 -1.91 -41.05 -0.86
CA GLY E 179 -1.97 -39.61 -0.96
C GLY E 179 -2.91 -39.14 -2.05
N ILE E 180 -3.13 -37.83 -2.07
CA ILE E 180 -3.96 -37.16 -3.06
C ILE E 180 -3.16 -36.03 -3.67
N VAL E 181 -3.12 -35.97 -5.00
CA VAL E 181 -2.41 -34.91 -5.71
C VAL E 181 -3.41 -34.22 -6.64
N ILE E 182 -3.66 -32.94 -6.39
CA ILE E 182 -4.48 -32.11 -7.27
C ILE E 182 -3.54 -31.19 -8.02
N LEU E 183 -3.40 -31.43 -9.32
CA LEU E 183 -2.40 -30.78 -10.15
C LEU E 183 -3.07 -29.89 -11.19
N THR E 184 -2.41 -28.79 -11.53
CA THR E 184 -2.84 -27.94 -12.64
C THR E 184 -1.59 -27.45 -13.37
N THR E 185 -1.41 -27.91 -14.60
CA THR E 185 -0.25 -27.58 -15.41
C THR E 185 -0.65 -27.50 -16.88
N HIS E 186 0.19 -26.83 -17.65
CA HIS E 186 -0.04 -26.68 -19.09
C HIS E 186 0.83 -27.60 -19.92
N GLN E 187 2.04 -27.91 -19.47
CA GLN E 187 2.83 -28.94 -20.12
C GLN E 187 2.14 -30.29 -19.93
N PRO E 188 2.12 -31.15 -20.94
CA PRO E 188 1.45 -32.44 -20.77
C PRO E 188 2.21 -33.35 -19.81
N LEU E 189 1.47 -34.22 -19.12
CA LEU E 189 2.07 -35.18 -18.22
C LEU E 189 2.67 -36.34 -19.01
N ASN E 190 3.82 -36.83 -18.56
CA ASN E 190 4.49 -37.96 -19.20
C ASN E 190 4.07 -39.27 -18.55
N VAL E 191 2.75 -39.44 -18.41
CA VAL E 191 2.15 -40.64 -17.83
C VAL E 191 0.95 -41.02 -18.68
N ALA E 192 0.47 -42.24 -18.47
CA ALA E 192 -0.68 -42.74 -19.22
C ALA E 192 -1.95 -41.99 -18.81
N GLU E 193 -2.94 -42.01 -19.70
CA GLU E 193 -4.19 -41.31 -19.43
C GLU E 193 -4.97 -41.93 -18.29
N SER E 194 -4.87 -43.26 -18.12
CA SER E 194 -5.59 -43.92 -17.04
C SER E 194 -5.10 -43.50 -15.67
N LYS E 195 -3.83 -43.07 -15.56
CA LYS E 195 -3.30 -42.63 -14.27
C LYS E 195 -3.90 -41.31 -13.82
N ILE E 196 -4.15 -40.38 -14.75
CA ILE E 196 -4.60 -39.03 -14.43
C ILE E 196 -6.12 -38.99 -14.54
N ARG E 197 -6.75 -38.28 -13.60
CA ARG E 197 -8.18 -38.00 -13.66
C ARG E 197 -8.37 -36.53 -14.03
N ARG E 198 -8.77 -36.28 -15.28
CA ARG E 198 -9.13 -34.93 -15.69
C ARG E 198 -10.49 -34.56 -15.13
N ILE E 199 -10.60 -33.34 -14.61
CA ILE E 199 -11.89 -32.73 -14.29
C ILE E 199 -11.90 -31.32 -14.86
N SER E 200 -13.00 -30.94 -15.48
CA SER E 200 -13.12 -29.67 -16.17
C SER E 200 -14.05 -28.73 -15.41
N LEU E 201 -13.85 -27.43 -15.65
CA LEU E 201 -14.63 -26.40 -14.97
C LEU E 201 -15.90 -26.10 -15.77
N THR E 202 -16.83 -27.05 -15.71
CA THR E 202 -18.10 -26.93 -16.40
C THR E 202 -19.04 -25.99 -15.65
N MET F 1 6.15 -24.09 12.16
CA MET F 1 4.79 -24.24 12.66
C MET F 1 4.63 -23.57 14.02
N MET F 2 5.54 -23.89 14.93
CA MET F 2 5.45 -23.40 16.30
C MET F 2 5.65 -21.89 16.35
N PHE F 3 5.09 -21.28 17.39
CA PHE F 3 5.16 -19.84 17.58
C PHE F 3 6.61 -19.36 17.57
N TRP F 4 7.47 -20.01 18.35
CA TRP F 4 8.85 -19.56 18.47
C TRP F 4 9.62 -19.74 17.18
N ARG F 5 9.28 -20.77 16.38
CA ARG F 5 9.94 -20.94 15.09
C ARG F 5 9.65 -19.76 14.17
N ILE F 6 8.40 -19.32 14.12
CA ILE F 6 8.04 -18.16 13.31
C ILE F 6 8.73 -16.91 13.84
N PHE F 7 8.78 -16.76 15.17
CA PHE F 7 9.42 -15.60 15.77
C PHE F 7 10.90 -15.54 15.37
N ARG F 8 11.62 -16.66 15.51
CA ARG F 8 13.03 -16.68 15.16
C ARG F 8 13.23 -16.51 13.66
N LEU F 9 12.33 -17.06 12.85
CA LEU F 9 12.42 -16.89 11.40
C LEU F 9 12.30 -15.42 11.03
N GLU F 10 11.36 -14.71 11.64
CA GLU F 10 11.18 -13.31 11.29
C GLU F 10 12.34 -12.47 11.82
N LEU F 11 12.91 -12.83 12.97
CA LEU F 11 14.12 -12.16 13.41
C LEU F 11 15.26 -12.36 12.42
N ARG F 12 15.44 -13.59 11.94
CA ARG F 12 16.50 -13.87 10.97
C ARG F 12 16.28 -13.07 9.69
N VAL F 13 15.05 -13.01 9.22
CA VAL F 13 14.75 -12.27 7.99
C VAL F 13 15.02 -10.78 8.20
N ALA F 14 14.57 -10.23 9.32
CA ALA F 14 14.75 -8.80 9.59
C ALA F 14 16.21 -8.43 9.77
N PHE F 15 17.04 -9.33 10.31
CA PHE F 15 18.45 -9.02 10.43
C PHE F 15 19.19 -9.06 9.11
N ARG F 16 18.63 -9.71 8.09
CA ARG F 16 19.19 -9.67 6.75
C ARG F 16 18.62 -8.55 5.89
N HIS F 17 17.55 -7.90 6.34
CA HIS F 17 17.07 -6.67 5.72
C HIS F 17 17.69 -5.45 6.39
N SER F 18 19.02 -5.43 6.46
CA SER F 18 19.72 -4.29 7.02
C SER F 18 19.62 -3.09 6.08
N ALA F 19 19.88 -1.91 6.64
CA ALA F 19 19.73 -0.60 6.01
C ALA F 19 18.27 -0.26 5.75
N GLU F 20 17.33 -1.18 6.01
CA GLU F 20 15.91 -0.87 6.05
C GLU F 20 15.37 -0.81 7.47
N ILE F 21 16.06 -1.43 8.43
CA ILE F 21 15.74 -1.26 9.83
C ILE F 21 16.61 -0.19 10.49
N ALA F 22 17.70 0.21 9.85
CA ALA F 22 18.54 1.28 10.37
C ALA F 22 18.04 2.67 9.98
N ASN F 23 17.21 2.77 8.93
CA ASN F 23 16.62 4.05 8.58
C ASN F 23 15.72 4.61 9.68
N PRO F 24 14.84 3.83 10.32
CA PRO F 24 14.09 4.39 11.46
C PRO F 24 14.99 4.95 12.55
N LEU F 25 16.09 4.27 12.86
CA LEU F 25 17.00 4.76 13.90
C LEU F 25 17.63 6.09 13.50
N TRP F 26 18.06 6.20 12.23
CA TRP F 26 18.62 7.45 11.76
C TRP F 26 17.60 8.58 11.80
N PHE F 27 16.36 8.29 11.40
CA PHE F 27 15.32 9.30 11.46
C PHE F 27 15.05 9.73 12.89
N PHE F 28 15.01 8.77 13.82
CA PHE F 28 14.81 9.10 15.22
C PHE F 28 15.91 10.00 15.75
N LEU F 29 17.16 9.67 15.44
CA LEU F 29 18.28 10.49 15.90
C LEU F 29 18.22 11.89 15.30
N ILE F 30 17.93 11.98 13.99
CA ILE F 30 17.86 13.28 13.35
C ILE F 30 16.75 14.14 13.95
N VAL F 31 15.58 13.54 14.19
CA VAL F 31 14.48 14.32 14.74
C VAL F 31 14.78 14.77 16.17
N ILE F 32 15.32 13.88 17.00
CA ILE F 32 15.61 14.26 18.38
C ILE F 32 16.79 15.21 18.49
N THR F 33 17.63 15.31 17.46
CA THR F 33 18.75 16.25 17.48
C THR F 33 18.42 17.58 16.84
N LEU F 34 17.47 17.62 15.89
CA LEU F 34 17.19 18.86 15.17
C LEU F 34 16.66 19.94 16.11
N PHE F 35 15.62 19.62 16.89
CA PHE F 35 15.00 20.63 17.73
C PHE F 35 15.95 21.24 18.76
N PRO F 36 16.79 20.48 19.48
CA PRO F 36 17.76 21.14 20.36
C PRO F 36 18.70 22.07 19.63
N LEU F 37 18.83 21.91 18.31
CA LEU F 37 19.62 22.87 17.54
C LEU F 37 18.77 24.07 17.11
N SER F 38 17.49 23.84 16.84
CA SER F 38 16.61 24.96 16.51
C SER F 38 16.49 25.93 17.67
N ILE F 39 16.26 25.40 18.87
CA ILE F 39 16.35 26.23 20.08
C ILE F 39 17.82 26.47 20.39
N GLY F 40 18.16 27.71 20.72
CA GLY F 40 19.52 28.06 21.07
C GLY F 40 19.92 27.51 22.42
N PRO F 41 20.90 28.16 23.06
CA PRO F 41 21.33 27.70 24.40
C PRO F 41 20.29 28.03 25.47
N GLU F 42 19.10 27.44 25.34
CA GLU F 42 17.99 27.68 26.28
C GLU F 42 17.63 26.39 26.98
N PRO F 43 17.99 26.22 28.25
CA PRO F 43 17.66 24.96 28.93
C PRO F 43 16.20 24.87 29.36
N GLN F 44 15.59 25.98 29.75
CA GLN F 44 14.23 25.94 30.27
C GLN F 44 13.23 25.44 29.21
N LEU F 45 13.33 25.93 27.98
CA LEU F 45 12.41 25.50 26.94
C LEU F 45 12.66 24.07 26.51
N LEU F 46 13.91 23.60 26.62
CA LEU F 46 14.22 22.24 26.20
C LEU F 46 13.55 21.21 27.10
N ALA F 47 13.53 21.47 28.41
CA ALA F 47 12.93 20.53 29.35
C ALA F 47 11.41 20.48 29.24
N ARG F 48 10.80 21.47 28.58
CA ARG F 48 9.35 21.48 28.39
C ARG F 48 8.92 20.75 27.14
N ILE F 49 9.76 20.73 26.10
CA ILE F 49 9.39 20.10 24.84
C ILE F 49 10.12 18.79 24.58
N ALA F 50 11.08 18.41 25.43
CA ALA F 50 11.81 17.17 25.21
C ALA F 50 10.91 15.94 25.19
N PRO F 51 9.98 15.73 26.13
CA PRO F 51 9.10 14.57 26.01
C PRO F 51 8.29 14.54 24.73
N GLY F 52 7.74 15.70 24.33
CA GLY F 52 6.92 15.74 23.14
C GLY F 52 7.70 15.39 21.88
N ILE F 53 8.88 15.99 21.72
CA ILE F 53 9.68 15.70 20.53
C ILE F 53 10.17 14.26 20.56
N ILE F 54 10.54 13.74 21.72
CA ILE F 54 11.00 12.35 21.82
C ILE F 54 9.90 11.39 21.38
N TRP F 55 8.69 11.60 21.89
CA TRP F 55 7.63 10.66 21.56
C TRP F 55 7.09 10.84 20.15
N VAL F 56 7.12 12.06 19.61
CA VAL F 56 6.78 12.24 18.20
C VAL F 56 7.82 11.53 17.33
N ALA F 57 9.10 11.63 17.69
CA ALA F 57 10.13 10.92 16.95
C ALA F 57 9.94 9.42 17.03
N ALA F 58 9.56 8.91 18.21
CA ALA F 58 9.30 7.49 18.35
C ALA F 58 8.12 7.05 17.49
N LEU F 59 7.05 7.85 17.49
CA LEU F 59 5.90 7.54 16.64
C LEU F 59 6.30 7.48 15.18
N LEU F 60 7.07 8.47 14.72
CA LEU F 60 7.42 8.53 13.31
C LEU F 60 8.40 7.43 12.93
N SER F 61 9.33 7.08 13.82
CA SER F 61 10.23 5.97 13.56
C SER F 61 9.47 4.65 13.47
N SER F 62 8.51 4.42 14.37
CA SER F 62 7.71 3.21 14.29
C SER F 62 6.85 3.21 13.03
N LEU F 63 6.36 4.38 12.63
CA LEU F 63 5.61 4.49 11.39
C LEU F 63 6.47 4.13 10.18
N LEU F 64 7.72 4.60 10.17
CA LEU F 64 8.63 4.23 9.09
C LEU F 64 8.92 2.73 9.09
N ALA F 65 9.15 2.15 10.25
CA ALA F 65 9.50 0.74 10.34
C ALA F 65 8.30 -0.19 10.11
N LEU F 66 7.08 0.32 10.26
CA LEU F 66 5.89 -0.50 10.05
C LEU F 66 5.67 -0.87 8.59
N GLU F 67 6.43 -0.27 7.67
CA GLU F 67 6.23 -0.55 6.25
C GLU F 67 6.54 -2.00 5.92
N ARG F 68 7.61 -2.55 6.50
CA ARG F 68 8.10 -3.87 6.18
C ARG F 68 7.53 -4.98 7.04
N LEU F 69 6.44 -4.71 7.78
CA LEU F 69 5.87 -5.74 8.64
C LEU F 69 5.32 -6.90 7.83
N PHE F 70 4.49 -6.61 6.82
CA PHE F 70 3.94 -7.63 5.94
C PHE F 70 4.24 -7.36 4.48
N ARG F 71 5.10 -6.39 4.18
CA ARG F 71 5.32 -5.97 2.80
C ARG F 71 5.92 -7.11 1.97
N ASP F 72 7.02 -7.70 2.45
CA ASP F 72 7.67 -8.76 1.70
C ASP F 72 7.10 -10.12 2.10
N ASP F 73 5.79 -10.24 2.08
CA ASP F 73 5.11 -11.52 2.27
C ASP F 73 4.05 -11.78 1.22
N LEU F 74 3.30 -10.76 0.82
CA LEU F 74 2.23 -10.96 -0.14
C LEU F 74 2.78 -11.33 -1.51
N GLN F 75 3.96 -10.81 -1.87
CA GLN F 75 4.56 -11.16 -3.15
C GLN F 75 4.88 -12.64 -3.23
N ASP F 76 5.43 -13.21 -2.16
CA ASP F 76 5.78 -14.63 -2.16
C ASP F 76 5.02 -15.43 -1.11
N GLY F 77 5.10 -15.04 0.16
CA GLY F 77 4.75 -15.97 1.23
C GLY F 77 3.88 -15.45 2.36
N SER F 78 2.95 -14.54 2.06
CA SER F 78 1.95 -14.18 3.06
C SER F 78 1.09 -15.38 3.42
N LEU F 79 0.70 -16.16 2.43
CA LEU F 79 0.13 -17.48 2.66
C LEU F 79 1.29 -18.43 2.99
N GLU F 80 1.00 -19.73 3.05
CA GLU F 80 1.86 -20.75 3.66
C GLU F 80 1.84 -20.58 5.17
N GLN F 81 1.13 -19.57 5.65
CA GLN F 81 0.92 -19.29 7.06
C GLN F 81 -0.55 -19.27 7.44
N LEU F 82 -1.38 -18.57 6.68
CA LEU F 82 -2.82 -18.78 6.76
C LEU F 82 -3.17 -20.19 6.29
N MET F 83 -2.48 -20.66 5.26
CA MET F 83 -2.79 -21.91 4.57
C MET F 83 -2.27 -23.13 5.33
N LEU F 84 -1.23 -22.97 6.13
CA LEU F 84 -0.62 -24.06 6.89
C LEU F 84 -0.33 -23.53 8.29
N LEU F 85 0.57 -24.22 8.99
CA LEU F 85 0.95 -23.84 10.34
C LEU F 85 -0.29 -23.90 11.23
N PRO F 86 -0.74 -25.11 11.59
CA PRO F 86 -2.00 -25.25 12.36
C PRO F 86 -2.12 -24.30 13.55
N LEU F 87 -1.01 -23.68 13.93
CA LEU F 87 -1.06 -22.58 14.88
C LEU F 87 -2.04 -21.52 14.39
N PRO F 88 -2.98 -21.07 15.22
CA PRO F 88 -3.99 -20.11 14.75
C PRO F 88 -3.35 -18.84 14.22
N LEU F 89 -3.99 -18.27 13.20
CA LEU F 89 -3.46 -17.05 12.58
C LEU F 89 -3.24 -15.90 13.57
N PRO F 90 -4.10 -15.67 14.56
CA PRO F 90 -3.75 -14.65 15.57
C PRO F 90 -2.41 -14.89 16.23
N ALA F 91 -2.05 -16.14 16.52
CA ALA F 91 -0.75 -16.41 17.11
C ALA F 91 0.38 -16.12 16.13
N VAL F 92 0.17 -16.38 14.84
CA VAL F 92 1.16 -16.03 13.84
C VAL F 92 1.36 -14.53 13.79
N VAL F 93 0.27 -13.77 13.83
CA VAL F 93 0.36 -12.32 13.86
C VAL F 93 1.09 -11.85 15.11
N LEU F 94 0.81 -12.48 16.25
CA LEU F 94 1.49 -12.14 17.49
C LEU F 94 2.99 -12.37 17.37
N ALA F 95 3.40 -13.50 16.78
CA ALA F 95 4.82 -13.77 16.60
C ALA F 95 5.46 -12.75 15.68
N LYS F 96 4.78 -12.41 14.58
CA LYS F 96 5.33 -11.43 13.65
C LYS F 96 5.48 -10.06 14.31
N VAL F 97 4.49 -9.67 15.11
CA VAL F 97 4.55 -8.37 15.79
C VAL F 97 5.64 -8.36 16.85
N MET F 98 5.79 -9.46 17.60
CA MET F 98 6.87 -9.53 18.58
C MET F 98 8.23 -9.41 17.91
N ALA F 99 8.42 -10.13 16.79
CA ALA F 99 9.69 -10.05 16.08
C ALA F 99 9.94 -8.66 15.51
N HIS F 100 8.90 -8.01 15.00
CA HIS F 100 9.06 -6.65 14.51
C HIS F 100 9.41 -5.68 15.62
N TRP F 101 8.79 -5.84 16.80
CA TRP F 101 9.10 -4.97 17.92
C TRP F 101 10.52 -5.18 18.41
N MET F 102 10.99 -6.43 18.41
CA MET F 102 12.33 -6.71 18.90
C MET F 102 13.41 -6.03 18.06
N VAL F 103 13.06 -5.59 16.84
CA VAL F 103 13.99 -4.85 15.99
C VAL F 103 13.56 -3.41 15.75
N THR F 104 12.38 -3.01 16.23
CA THR F 104 11.90 -1.64 16.06
C THR F 104 11.80 -0.89 17.38
N GLY F 105 11.07 -1.41 18.35
CA GLY F 105 10.90 -0.73 19.62
C GLY F 105 12.06 -0.96 20.57
N LEU F 106 12.66 -2.15 20.52
CA LEU F 106 13.80 -2.43 21.38
C LEU F 106 15.00 -1.55 21.11
N PRO F 107 15.42 -1.29 19.86
CA PRO F 107 16.58 -0.40 19.66
C PRO F 107 16.37 0.99 20.23
N LEU F 108 15.16 1.54 20.15
CA LEU F 108 14.90 2.85 20.71
C LEU F 108 15.07 2.87 22.23
N LEU F 109 14.83 1.74 22.90
CA LEU F 109 15.08 1.62 24.33
C LEU F 109 16.55 1.46 24.64
N ILE F 110 17.31 0.82 23.74
CA ILE F 110 18.75 0.68 23.95
C ILE F 110 19.45 2.03 23.85
N LEU F 111 18.99 2.91 22.96
CA LEU F 111 19.59 4.23 22.82
C LEU F 111 19.04 5.25 23.79
N SER F 112 18.09 4.87 24.66
CA SER F 112 17.54 5.81 25.62
C SER F 112 18.59 6.42 26.56
N PRO F 113 19.56 5.68 27.12
CA PRO F 113 20.57 6.35 27.94
C PRO F 113 21.39 7.37 27.18
N LEU F 114 21.57 7.18 25.87
CA LEU F 114 22.28 8.14 25.03
C LEU F 114 21.43 9.35 24.69
N VAL F 115 20.12 9.29 24.90
CA VAL F 115 19.26 10.43 24.64
C VAL F 115 19.08 11.30 25.90
N ALA F 116 18.90 10.66 27.06
CA ALA F 116 18.69 11.41 28.30
C ALA F 116 19.89 12.28 28.67
N MET F 117 21.08 11.96 28.18
CA MET F 117 22.23 12.84 28.37
C MET F 117 22.33 13.87 27.27
N LEU F 118 21.88 13.53 26.06
CA LEU F 118 21.88 14.49 24.96
C LEU F 118 20.94 15.66 25.26
N LEU F 119 19.76 15.37 25.82
CA LEU F 119 18.76 16.38 26.10
C LEU F 119 18.84 16.90 27.53
N GLY F 120 19.87 16.52 28.28
CA GLY F 120 20.06 17.05 29.62
C GLY F 120 19.01 16.62 30.64
N MET F 121 18.60 15.37 30.61
CA MET F 121 17.67 14.85 31.59
C MET F 121 18.42 14.28 32.79
N ASP F 122 17.68 13.99 33.85
CA ASP F 122 18.23 13.38 35.06
C ASP F 122 18.02 11.87 35.00
N VAL F 123 18.44 11.19 36.07
CA VAL F 123 18.30 9.73 36.11
C VAL F 123 16.83 9.34 36.19
N TYR F 124 16.04 10.06 37.01
CA TYR F 124 14.62 9.74 37.16
C TYR F 124 13.87 9.98 35.85
N GLY F 125 14.22 11.04 35.14
CA GLY F 125 13.60 11.27 33.83
C GLY F 125 13.89 10.15 32.86
N TRP F 126 15.12 9.64 32.85
CA TRP F 126 15.43 8.51 31.97
C TRP F 126 14.68 7.26 32.41
N GLN F 127 14.56 7.05 33.72
CA GLN F 127 13.80 5.90 34.22
C GLN F 127 12.37 5.94 33.71
N VAL F 128 11.73 7.11 33.82
CA VAL F 128 10.34 7.22 33.37
C VAL F 128 10.25 7.08 31.86
N MET F 129 11.22 7.65 31.13
CA MET F 129 11.22 7.52 29.68
C MET F 129 11.37 6.06 29.25
N ALA F 130 12.23 5.32 29.93
CA ALA F 130 12.43 3.91 29.60
C ALA F 130 11.19 3.09 29.94
N LEU F 131 10.58 3.34 31.09
CA LEU F 131 9.33 2.67 31.43
C LEU F 131 8.23 2.99 30.43
N THR F 132 8.24 4.20 29.89
CA THR F 132 7.23 4.60 28.91
C THR F 132 7.46 3.95 27.55
N LEU F 133 8.73 3.91 27.10
CA LEU F 133 9.03 3.27 25.83
C LEU F 133 8.82 1.76 25.89
N LEU F 134 9.14 1.15 27.03
CA LEU F 134 8.96 -0.29 27.17
C LEU F 134 7.48 -0.66 27.13
N LEU F 135 6.62 0.19 27.68
CA LEU F 135 5.18 -0.05 27.69
C LEU F 135 4.46 0.64 26.55
N GLY F 136 5.17 1.37 25.69
CA GLY F 136 4.52 2.13 24.64
C GLY F 136 4.76 1.59 23.24
N THR F 137 5.95 1.07 22.97
CA THR F 137 6.27 0.59 21.64
C THR F 137 5.57 -0.73 21.29
N PRO F 138 5.36 -1.67 22.22
CA PRO F 138 4.49 -2.80 21.88
C PRO F 138 3.09 -2.37 21.51
N THR F 139 2.56 -1.34 22.18
CA THR F 139 1.27 -0.79 21.77
C THR F 139 1.34 -0.21 20.38
N LEU F 140 2.44 0.47 20.05
CA LEU F 140 2.63 0.99 18.70
C LEU F 140 2.57 -0.12 17.66
N GLY F 141 3.32 -1.21 17.90
CA GLY F 141 3.30 -2.31 16.95
C GLY F 141 1.94 -2.97 16.83
N PHE F 142 1.26 -3.18 17.97
CA PHE F 142 -0.04 -3.84 17.94
C PHE F 142 -1.07 -2.98 17.23
N LEU F 143 -1.02 -1.66 17.43
CA LEU F 143 -1.97 -0.78 16.75
C LEU F 143 -1.64 -0.60 15.27
N GLY F 144 -0.36 -0.69 14.90
CA GLY F 144 0.01 -0.56 13.51
C GLY F 144 -0.16 -1.83 12.70
N ALA F 145 -0.28 -2.96 13.39
CA ALA F 145 -0.48 -4.23 12.67
C ALA F 145 -1.75 -4.24 11.83
N PRO F 146 -2.93 -3.89 12.35
CA PRO F 146 -4.13 -3.90 11.48
C PRO F 146 -4.02 -2.95 10.30
N GLY F 147 -3.41 -1.78 10.48
CA GLY F 147 -3.28 -0.83 9.40
C GLY F 147 -2.43 -1.32 8.25
N VAL F 148 -1.32 -2.00 8.53
CA VAL F 148 -0.51 -2.58 7.47
C VAL F 148 -1.12 -3.85 6.91
N ALA F 149 -1.85 -4.61 7.73
CA ALA F 149 -2.57 -5.78 7.22
C ALA F 149 -3.66 -5.38 6.23
N LEU F 150 -4.37 -4.28 6.48
CA LEU F 150 -5.39 -3.83 5.55
C LEU F 150 -4.81 -3.31 4.25
N THR F 151 -3.64 -2.69 4.30
CA THR F 151 -3.05 -2.02 3.13
C THR F 151 -1.89 -2.80 2.52
N VAL F 152 -1.68 -4.05 2.91
CA VAL F 152 -0.61 -4.84 2.33
C VAL F 152 -0.89 -5.12 0.85
N GLY F 153 -2.14 -5.34 0.49
CA GLY F 153 -2.47 -5.63 -0.91
C GLY F 153 -2.40 -4.37 -1.77
N LEU F 154 -2.62 -3.20 -1.18
CA LEU F 154 -2.65 -1.97 -1.95
C LEU F 154 -1.30 -1.66 -2.57
N LYS F 155 -0.22 -2.10 -1.94
CA LYS F 155 1.14 -1.91 -2.42
C LYS F 155 1.42 -0.42 -2.65
N ARG F 156 1.23 0.33 -1.56
CA ARG F 156 1.56 1.76 -1.54
C ARG F 156 2.22 2.05 -0.20
N GLY F 157 3.55 1.92 -0.16
CA GLY F 157 4.30 2.28 1.04
C GLY F 157 4.38 3.78 1.17
N GLY F 158 3.64 4.35 2.12
CA GLY F 158 3.65 5.79 2.27
C GLY F 158 2.52 6.38 3.09
N VAL F 159 1.86 7.40 2.53
CA VAL F 159 0.93 8.22 3.29
C VAL F 159 -0.36 7.51 3.68
N LEU F 160 -0.79 6.51 2.92
CA LEU F 160 -2.07 5.87 3.23
C LEU F 160 -1.99 5.06 4.53
N LEU F 161 -0.88 4.37 4.75
CA LEU F 161 -0.66 3.70 6.02
C LEU F 161 -0.51 4.69 7.16
N SER F 162 -0.02 5.89 6.86
CA SER F 162 0.26 6.90 7.87
C SER F 162 -0.97 7.72 8.26
N ILE F 163 -2.10 7.51 7.61
CA ILE F 163 -3.36 8.15 7.98
C ILE F 163 -4.37 7.16 8.54
N LEU F 164 -4.01 5.88 8.63
CA LEU F 164 -4.89 4.85 9.17
C LEU F 164 -4.55 4.50 10.61
N VAL F 165 -3.26 4.43 10.95
CA VAL F 165 -2.84 4.05 12.30
C VAL F 165 -2.42 5.23 13.15
N LEU F 166 -2.02 6.35 12.54
CA LEU F 166 -1.53 7.50 13.27
C LEU F 166 -2.61 8.10 14.18
N PRO F 167 -3.85 8.30 13.71
CA PRO F 167 -4.90 8.76 14.63
C PRO F 167 -5.18 7.80 15.78
N LEU F 168 -4.92 6.51 15.60
CA LEU F 168 -5.19 5.54 16.66
C LEU F 168 -4.16 5.59 17.79
N THR F 169 -3.01 6.20 17.57
CA THR F 169 -1.97 6.29 18.58
C THR F 169 -2.04 7.59 19.39
N ILE F 170 -3.08 8.39 19.19
CA ILE F 170 -3.18 9.67 19.89
C ILE F 170 -3.25 9.51 21.41
N PRO F 171 -4.10 8.65 21.97
CA PRO F 171 -4.09 8.49 23.44
C PRO F 171 -2.75 8.02 23.97
N LEU F 172 -2.06 7.15 23.25
CA LEU F 172 -0.74 6.70 23.68
C LEU F 172 0.23 7.87 23.77
N LEU F 173 0.26 8.72 22.74
CA LEU F 173 1.11 9.90 22.78
C LEU F 173 0.73 10.82 23.93
N ILE F 174 -0.57 11.08 24.10
CA ILE F 174 -1.02 12.01 25.12
C ILE F 174 -0.57 11.55 26.50
N PHE F 175 -0.86 10.29 26.83
CA PHE F 175 -0.52 9.78 28.16
C PHE F 175 0.98 9.60 28.34
N ALA F 176 1.71 9.21 27.29
CA ALA F 176 3.15 9.06 27.41
C ALA F 176 3.82 10.40 27.67
N THR F 177 3.45 11.43 26.90
CA THR F 177 4.02 12.76 27.13
C THR F 177 3.60 13.32 28.47
N ALA F 178 2.36 13.02 28.91
CA ALA F 178 1.94 13.45 30.24
C ALA F 178 2.79 12.81 31.32
N ALA F 179 3.08 11.52 31.19
CA ALA F 179 3.92 10.84 32.17
C ALA F 179 5.32 11.41 32.19
N MET F 180 5.93 11.60 31.01
CA MET F 180 7.28 12.14 30.96
C MET F 180 7.34 13.57 31.51
N ASP F 181 6.34 14.39 31.19
CA ASP F 181 6.31 15.76 31.71
C ASP F 181 6.16 15.76 33.22
N ALA F 182 5.27 14.90 33.75
CA ALA F 182 5.12 14.78 35.19
C ALA F 182 6.37 14.24 35.87
N ALA F 183 7.22 13.52 35.13
CA ALA F 183 8.51 13.09 35.66
C ALA F 183 9.48 14.24 35.84
N SER F 184 9.36 15.31 35.05
CA SER F 184 10.25 16.45 35.18
C SER F 184 10.06 17.16 36.51
N MET F 185 8.85 17.09 37.07
CA MET F 185 8.55 17.74 38.34
C MET F 185 8.88 16.86 39.54
N HIS F 186 9.44 15.68 39.33
CA HIS F 186 9.75 14.73 40.40
C HIS F 186 8.51 14.43 41.24
N LEU F 187 7.40 14.23 40.58
CA LEU F 187 6.10 13.81 41.04
C LEU F 187 5.87 12.34 40.69
N PRO F 188 5.38 11.52 41.61
CA PRO F 188 5.19 10.10 41.32
C PRO F 188 4.26 9.91 40.12
N VAL F 189 4.59 8.93 39.29
CA VAL F 189 3.98 8.78 37.98
C VAL F 189 3.26 7.44 37.85
N ASP F 190 2.96 6.79 38.99
CA ASP F 190 2.30 5.48 38.95
C ASP F 190 0.91 5.54 38.34
N GLY F 191 0.30 6.71 38.28
CA GLY F 191 -1.04 6.84 37.72
C GLY F 191 -1.06 6.84 36.21
N TYR F 192 0.08 7.11 35.59
CA TYR F 192 0.17 7.12 34.13
C TYR F 192 0.72 5.81 33.58
N LEU F 193 1.64 5.19 34.29
CA LEU F 193 2.10 3.86 33.90
C LEU F 193 0.98 2.85 33.96
N ALA F 194 0.06 3.01 34.91
CA ALA F 194 -1.11 2.13 34.97
C ALA F 194 -1.97 2.28 33.72
N ILE F 195 -2.19 3.51 33.27
CA ILE F 195 -2.99 3.72 32.07
C ILE F 195 -2.28 3.19 30.84
N LEU F 196 -0.96 3.36 30.78
CA LEU F 196 -0.20 2.81 29.66
C LEU F 196 -0.26 1.29 29.65
N GLY F 197 -0.14 0.66 30.82
CA GLY F 197 -0.28 -0.79 30.88
C GLY F 197 -1.66 -1.26 30.51
N ALA F 198 -2.69 -0.51 30.90
CA ALA F 198 -4.05 -0.86 30.51
C ALA F 198 -4.22 -0.77 29.00
N LEU F 199 -3.67 0.27 28.38
CA LEU F 199 -3.72 0.38 26.93
C LEU F 199 -2.97 -0.76 26.26
N LEU F 200 -1.80 -1.12 26.79
CA LEU F 200 -1.03 -2.23 26.22
C LEU F 200 -1.79 -3.55 26.33
N ALA F 201 -2.41 -3.80 27.48
CA ALA F 201 -3.18 -5.02 27.66
C ALA F 201 -4.40 -5.04 26.74
N GLY F 202 -5.07 -3.91 26.59
CA GLY F 202 -6.23 -3.87 25.71
C GLY F 202 -5.87 -4.09 24.24
N THR F 203 -4.79 -3.45 23.77
CA THR F 203 -4.45 -3.58 22.36
C THR F 203 -3.78 -4.92 22.08
N ALA F 204 -3.06 -5.48 23.06
CA ALA F 204 -2.34 -6.73 22.83
C ALA F 204 -3.28 -7.92 22.69
N THR F 205 -4.55 -7.76 23.07
CA THR F 205 -5.52 -8.85 22.97
C THR F 205 -6.34 -8.77 21.69
N LEU F 206 -6.85 -7.59 21.35
CA LEU F 206 -7.73 -7.45 20.19
C LEU F 206 -6.99 -7.26 18.88
N SER F 207 -5.79 -6.67 18.93
CA SER F 207 -5.04 -6.45 17.69
C SER F 207 -4.68 -7.73 16.95
N PRO F 208 -4.25 -8.82 17.59
CA PRO F 208 -4.03 -10.05 16.82
C PRO F 208 -5.25 -10.51 16.05
N PHE F 209 -6.44 -10.45 16.66
CA PHE F 209 -7.65 -10.88 15.97
C PHE F 209 -8.01 -9.92 14.85
N ALA F 210 -7.90 -8.61 15.09
CA ALA F 210 -8.19 -7.64 14.04
C ALA F 210 -7.25 -7.81 12.86
N THR F 211 -5.96 -8.02 13.14
CA THR F 211 -4.99 -8.19 12.06
C THR F 211 -5.21 -9.50 11.32
N ALA F 212 -5.58 -10.57 12.03
CA ALA F 212 -5.91 -11.82 11.35
C ALA F 212 -7.10 -11.65 10.42
N ALA F 213 -8.15 -10.98 10.89
CA ALA F 213 -9.30 -10.72 10.04
C ALA F 213 -8.92 -9.88 8.83
N ALA F 214 -8.11 -8.84 9.05
CA ALA F 214 -7.69 -7.99 7.94
C ALA F 214 -6.87 -8.76 6.93
N LEU F 215 -5.97 -9.62 7.39
CA LEU F 215 -5.16 -10.43 6.49
C LEU F 215 -6.02 -11.40 5.69
N ARG F 216 -7.01 -12.01 6.35
CA ARG F 216 -7.93 -12.89 5.64
C ARG F 216 -8.71 -12.14 4.57
N ILE F 217 -9.13 -10.90 4.88
CA ILE F 217 -9.81 -10.08 3.88
C ILE F 217 -8.87 -9.78 2.72
N SER F 218 -7.63 -9.41 3.02
CA SER F 218 -6.69 -8.96 2.01
C SER F 218 -6.15 -10.10 1.15
N ILE F 219 -6.16 -11.33 1.65
CA ILE F 219 -5.61 -12.45 0.88
C ILE F 219 -6.56 -12.89 -0.22
N GLN F 220 -7.84 -12.55 -0.13
CA GLN F 220 -8.82 -12.96 -1.13
C GLN F 220 -9.10 -11.83 -2.10
MG MG G . 16.70 -17.90 -16.91
PG ANP H . 16.49 -20.51 -15.68
O1G ANP H . 15.52 -20.67 -14.54
O2G ANP H . 16.71 -21.84 -16.34
O3G ANP H . 15.87 -19.58 -16.69
PB ANP H . 19.22 -19.71 -16.08
O1B ANP H . 19.73 -21.05 -16.54
O2B ANP H . 19.01 -18.63 -17.11
N3B ANP H . 17.90 -19.90 -15.15
PA ANP H . 20.60 -17.69 -14.45
O1A ANP H . 21.21 -16.83 -15.51
O2A ANP H . 19.35 -17.20 -13.79
O3A ANP H . 20.33 -19.15 -15.06
O5' ANP H . 21.69 -18.01 -13.33
C5' ANP H . 22.91 -18.71 -13.73
C4' ANP H . 23.78 -18.93 -12.51
O4' ANP H . 24.10 -17.64 -11.92
C3' ANP H . 23.18 -19.78 -11.39
O3' ANP H . 24.11 -20.79 -11.01
C2' ANP H . 23.01 -18.77 -10.25
O2' ANP H . 23.04 -19.34 -8.95
C1' ANP H . 24.18 -17.84 -10.53
N9 ANP H . 24.08 -16.54 -9.88
C8 ANP H . 24.92 -16.02 -8.92
N7 ANP H . 24.57 -14.82 -8.53
C5 ANP H . 23.41 -14.54 -9.26
C6 ANP H . 22.55 -13.42 -9.31
N6 ANP H . 22.72 -12.33 -8.57
N1 ANP H . 21.50 -13.49 -10.15
C2 ANP H . 21.34 -14.59 -10.90
N3 ANP H . 22.08 -15.69 -10.95
C4 ANP H . 23.12 -15.60 -10.09
P 3PE I . -17.63 9.08 -4.35
N 3PE I . -15.77 6.24 -6.85
O11 3PE I . -17.13 10.55 -4.04
O12 3PE I . -18.94 9.30 -5.02
O13 3PE I . -16.53 8.62 -5.41
O14 3PE I . -17.55 8.17 -3.16
C11 3PE I . -16.89 8.53 -6.85
C12 3PE I . -16.51 7.26 -7.63
C1 3PE I . -15.89 10.76 -3.36
C2 3PE I . -16.02 11.96 -2.47
C3 3PE I . -17.43 12.47 -2.32
O31 3PE I . -17.60 13.60 -3.20
O32 3PE I . -19.26 14.90 -2.63
C31 3PE I . -18.10 14.68 -2.63
C32 3PE I . -17.06 15.54 -2.03
C33 3PE I . -17.58 16.81 -1.48
C34 3PE I . -16.50 17.72 -0.97
C35 3PE I . -17.01 19.07 -0.55
C36 3PE I . -15.99 19.91 0.15
C37 3PE I . -16.46 21.31 0.44
C38 3PE I . -16.42 22.20 -0.74
C39 3PE I . -15.71 23.51 -0.51
C3A 3PE I . -16.05 24.20 0.77
O21 3PE I . -15.54 11.58 -1.16
O22 3PE I . -13.55 12.51 -1.14
C21 3PE I . -14.60 12.34 -0.62
C22 3PE I . -14.99 12.91 0.69
C23 3PE I . -14.07 13.96 1.15
C24 3PE I . -14.38 14.41 2.55
C25 3PE I . -13.56 15.57 3.02
C26 3PE I . -14.33 16.85 3.12
C27 3PE I . -13.50 17.97 3.64
C28 3PE I . -13.75 19.29 3.01
C29 3PE I . -12.52 19.99 2.53
C2A 3PE I . -12.82 21.25 1.78
C2B 3PE I . -11.64 21.92 1.15
C2C 3PE I . -11.77 23.42 1.16
C2D 3PE I . -11.47 24.10 2.47
C2E 3PE I . -10.05 23.87 2.94
C2F 3PE I . -9.72 24.51 4.28
C2G 3PE I . -10.41 25.82 4.56
C2H 3PE I . -9.97 26.44 5.85
C2I 3PE I . -8.67 27.19 5.74
MG MG J . -3.39 -20.24 -12.22
PG ANP K . -3.31 -19.47 -15.37
O1G ANP K . -2.49 -18.40 -16.02
O2G ANP K . -3.68 -20.49 -16.42
O3G ANP K . -2.48 -20.16 -14.32
PB ANP K . -5.88 -19.74 -14.11
O1B ANP K . -6.54 -20.45 -15.25
O2B ANP K . -5.47 -20.55 -12.90
N3B ANP K . -4.64 -18.84 -14.67
PA ANP K . -7.21 -18.02 -12.14
O1A ANP K . -7.96 -19.00 -11.30
O2A ANP K . -5.92 -17.50 -11.59
O3A ANP K . -6.94 -18.67 -13.58
O5' ANP K . -8.16 -16.79 -12.51
C5' ANP K . -9.44 -17.05 -13.13
C4' ANP K . -10.15 -15.76 -13.41
O4' ANP K . -10.18 -14.93 -12.23
C3' ANP K . -9.57 -14.86 -14.52
O3' ANP K . -10.49 -14.76 -15.60
C2' ANP K . -9.37 -13.51 -13.83
O2' ANP K . -9.59 -12.38 -14.65
C1' ANP K . -10.34 -13.60 -12.65
N9 ANP K . -10.03 -12.71 -11.55
C8 ANP K . -10.70 -11.57 -11.17
N7 ANP K . -10.16 -10.99 -10.13
C5 ANP K . -9.07 -11.78 -9.81
C6 ANP K . -8.09 -11.69 -8.80
N6 ANP K . -8.06 -10.71 -7.89
N1 ANP K . -7.14 -12.65 -8.76
C2 ANP K . -7.18 -13.63 -9.68
N3 ANP K . -8.05 -13.82 -10.67
C4 ANP K . -8.98 -12.84 -10.68
#